data_1CHW
#
_entry.id   1CHW
#
_cell.length_a   97.814
_cell.length_b   97.814
_cell.length_c   130.463
_cell.angle_alpha   90.00
_cell.angle_beta   90.00
_cell.angle_gamma   120.00
#
_symmetry.space_group_name_H-M   'P 31 2 1'
#
loop_
_entity.id
_entity.type
_entity.pdbx_description
1 polymer 'PROTEIN (CHALCONE SYNTHASE)'
2 non-polymer 'HEXANOYL-COENZYME A'
3 water water
#
_entity_poly.entity_id   1
_entity_poly.type   'polypeptide(L)'
_entity_poly.pdbx_seq_one_letter_code
;MVSVSEIRKAQRAEGPATILAIGTANPANCVEQSTYPDFYFKITNSEHKTELKEKFQRMCDKSMIKRRYMYLTEEILKEN
PNVCEYMAPSLDARQDMVVVEVPRLGKEAAVKAIKEWGQPKSKITHLIVCTTSGVDMPGADYQLTKLLGLRPYVKRYMMY
QQGSFAGGTVLRLAKDLAENNKGARVLVVCSEVTAVTFRGPSDTHLDSLVGQALFGDGAAALIVGSDPVPEIEKPIFEMV
WTAQTIAPDSEGAIDGHLREAGLTFHLLKDVPGIVSKNITKALVEAFEPLGISDYNSIFWIAHPGGPAILDQVEQKLALK
PEKMNATREVLSEYGNMSSACVLFILDEMRKKSTQNGLKTTGEGLEWGVLFGFGPGLTIETVVLRSVAI
;
_entity_poly.pdbx_strand_id   A,B
#
# COMPACT_ATOMS: atom_id res chain seq x y z
N MET A 1 13.72 18.87 45.82
CA MET A 1 14.67 17.70 45.86
C MET A 1 14.30 16.70 44.76
N VAL A 2 13.59 15.61 45.06
CA VAL A 2 13.18 14.62 44.09
C VAL A 2 12.49 15.20 42.85
N SER A 3 12.97 14.72 41.71
CA SER A 3 12.40 15.18 40.45
C SER A 3 11.26 14.30 39.91
N VAL A 4 10.03 14.81 39.80
CA VAL A 4 8.96 14.02 39.25
C VAL A 4 9.20 13.76 37.76
N SER A 5 9.71 14.78 37.01
CA SER A 5 9.95 14.52 35.61
C SER A 5 11.04 13.47 35.39
N GLU A 6 12.13 13.39 36.13
CA GLU A 6 13.13 12.36 35.98
C GLU A 6 12.53 11.00 36.30
N ILE A 7 11.67 10.89 37.28
CA ILE A 7 10.97 9.68 37.65
C ILE A 7 10.09 9.34 36.43
N ARG A 8 9.36 10.27 35.85
CA ARG A 8 8.35 10.00 34.81
C ARG A 8 9.06 9.46 33.58
N LYS A 9 10.19 10.08 33.19
CA LYS A 9 11.00 9.63 32.10
C LYS A 9 11.61 8.26 32.36
N ALA A 10 12.02 7.88 33.56
CA ALA A 10 12.56 6.61 33.83
C ALA A 10 11.43 5.57 33.93
N GLN A 11 10.20 5.90 34.21
CA GLN A 11 9.16 4.95 34.52
C GLN A 11 8.54 4.40 33.22
N ARG A 12 8.47 5.20 32.16
CA ARG A 12 7.65 4.87 31.03
C ARG A 12 8.34 4.01 29.96
N ALA A 13 7.59 3.26 29.18
CA ALA A 13 8.22 2.43 28.13
C ALA A 13 8.43 3.28 26.90
N GLU A 14 9.05 2.62 25.86
CA GLU A 14 9.37 3.45 24.68
C GLU A 14 8.60 3.17 23.40
N GLY A 15 8.47 1.90 23.02
CA GLY A 15 7.73 1.54 21.83
C GLY A 15 6.32 1.05 21.97
N PRO A 16 5.70 0.66 20.85
CA PRO A 16 4.34 0.28 20.71
C PRO A 16 3.92 -0.98 21.47
N ALA A 17 2.76 -0.95 22.11
CA ALA A 17 2.37 -2.18 22.83
C ALA A 17 2.29 -3.28 21.76
N THR A 18 2.86 -4.43 22.16
CA THR A 18 3.01 -5.51 21.21
C THR A 18 2.48 -6.82 21.80
N ILE A 19 1.76 -7.53 20.93
CA ILE A 19 1.21 -8.81 21.36
C ILE A 19 2.32 -9.89 21.18
N LEU A 20 2.69 -10.63 22.22
CA LEU A 20 3.83 -11.50 22.21
C LEU A 20 3.49 -12.99 22.36
N ALA A 21 2.27 -13.38 22.57
CA ALA A 21 1.83 -14.76 22.75
C ALA A 21 0.30 -14.74 22.90
N ILE A 22 -0.31 -15.82 22.38
CA ILE A 22 -1.78 -15.94 22.43
C ILE A 22 -2.14 -17.41 22.69
N GLY A 23 -2.95 -17.78 23.61
CA GLY A 23 -3.34 -19.12 23.94
C GLY A 23 -4.88 -19.11 24.20
N THR A 24 -5.49 -20.24 23.74
CA THR A 24 -6.93 -20.31 23.94
C THR A 24 -7.32 -21.62 24.66
N ALA A 25 -8.52 -21.78 25.15
CA ALA A 25 -9.08 -22.93 25.82
C ALA A 25 -10.59 -22.83 25.67
N ASN A 26 -11.21 -24.02 25.58
CA ASN A 26 -12.65 -24.19 25.58
C ASN A 26 -13.10 -25.38 26.46
N PRO A 27 -14.33 -25.34 26.92
CA PRO A 27 -14.82 -26.45 27.74
C PRO A 27 -14.71 -27.67 26.84
N ALA A 28 -14.64 -28.84 27.44
CA ALA A 28 -14.51 -30.08 26.69
C ALA A 28 -15.81 -30.53 26.05
N ASN A 29 -16.97 -30.15 26.51
CA ASN A 29 -18.21 -30.55 25.87
C ASN A 29 -18.43 -29.81 24.58
N CYS A 30 -18.35 -30.64 23.50
CA CYS A 30 -18.56 -30.19 22.14
C CYS A 30 -20.00 -30.30 21.70
N VAL A 31 -20.76 -29.30 21.38
CA VAL A 31 -22.13 -29.35 20.97
C VAL A 31 -22.25 -29.11 19.48
N GLU A 32 -22.80 -30.14 18.76
CA GLU A 32 -22.95 -29.98 17.32
C GLU A 32 -24.11 -29.11 16.90
N GLN A 33 -23.99 -28.20 15.92
CA GLN A 33 -25.05 -27.28 15.62
C GLN A 33 -26.23 -27.92 14.89
N SER A 34 -25.87 -28.84 14.00
CA SER A 34 -26.91 -29.53 13.19
C SER A 34 -28.05 -30.17 13.97
N THR A 35 -27.75 -30.80 15.08
CA THR A 35 -28.66 -31.40 16.00
C THR A 35 -28.99 -30.60 17.25
N TYR A 36 -28.51 -29.33 17.36
CA TYR A 36 -28.81 -28.63 18.59
C TYR A 36 -30.30 -28.43 18.80
N PRO A 37 -31.05 -28.03 17.80
CA PRO A 37 -32.48 -27.75 17.93
C PRO A 37 -33.24 -28.85 18.65
N ASP A 38 -32.94 -30.10 18.24
CA ASP A 38 -33.57 -31.24 18.91
C ASP A 38 -33.13 -31.40 20.36
N PHE A 39 -31.80 -31.32 20.54
CA PHE A 39 -31.31 -31.34 21.92
C PHE A 39 -31.89 -30.23 22.81
N TYR A 40 -31.81 -28.98 22.38
CA TYR A 40 -32.26 -27.86 23.22
C TYR A 40 -33.76 -27.95 23.51
N PHE A 41 -34.54 -28.29 22.49
CA PHE A 41 -36.01 -28.31 22.66
C PHE A 41 -36.44 -29.45 23.57
N LYS A 42 -35.63 -30.51 23.59
CA LYS A 42 -35.84 -31.63 24.49
C LYS A 42 -35.41 -31.31 25.93
N ILE A 43 -34.15 -30.88 26.10
CA ILE A 43 -33.69 -30.49 27.44
C ILE A 43 -34.48 -29.36 28.07
N THR A 44 -35.26 -28.56 27.33
CA THR A 44 -36.03 -27.49 27.99
C THR A 44 -37.51 -27.82 27.91
N ASN A 45 -37.81 -29.13 27.61
CA ASN A 45 -39.20 -29.58 27.69
C ASN A 45 -40.15 -28.78 26.82
N SER A 46 -39.68 -28.49 25.60
CA SER A 46 -40.38 -27.58 24.73
C SER A 46 -40.73 -28.16 23.37
N GLU A 47 -40.65 -29.49 23.32
CA GLU A 47 -40.99 -30.18 22.08
C GLU A 47 -42.43 -30.05 21.62
N HIS A 48 -43.40 -29.73 22.43
CA HIS A 48 -44.71 -29.35 21.90
C HIS A 48 -44.60 -28.10 21.04
N LYS A 49 -43.67 -27.18 21.24
CA LYS A 49 -43.67 -25.86 20.60
C LYS A 49 -43.07 -26.01 19.22
N THR A 50 -43.82 -26.68 18.32
CA THR A 50 -43.40 -27.09 17.00
C THR A 50 -43.04 -25.90 16.07
N GLU A 51 -43.82 -24.85 15.99
CA GLU A 51 -43.61 -23.66 15.18
C GLU A 51 -42.30 -22.99 15.64
N LEU A 52 -42.16 -22.82 16.94
CA LEU A 52 -40.98 -22.17 17.53
C LEU A 52 -39.75 -23.02 17.19
N LYS A 53 -39.90 -24.35 17.39
CA LYS A 53 -38.76 -25.20 17.19
C LYS A 53 -38.24 -25.18 15.75
N GLU A 54 -39.18 -25.11 14.79
CA GLU A 54 -38.89 -24.90 13.40
C GLU A 54 -38.18 -23.54 13.17
N LYS A 55 -38.62 -22.49 13.81
CA LYS A 55 -38.02 -21.17 13.75
C LYS A 55 -36.54 -21.33 14.17
N PHE A 56 -36.26 -22.04 15.26
CA PHE A 56 -34.94 -22.20 15.83
C PHE A 56 -33.97 -22.88 14.87
N GLN A 57 -34.59 -23.96 14.30
CA GLN A 57 -33.86 -24.78 13.35
C GLN A 57 -33.44 -23.95 12.12
N ARG A 58 -34.17 -22.92 11.72
CA ARG A 58 -33.75 -22.07 10.65
C ARG A 58 -32.65 -21.14 11.19
N MET A 59 -32.72 -20.66 12.40
CA MET A 59 -31.67 -19.81 12.97
C MET A 59 -30.40 -20.64 13.06
N CYS A 60 -30.43 -21.86 13.57
CA CYS A 60 -29.24 -22.65 13.72
C CYS A 60 -28.61 -23.04 12.38
N ASP A 61 -29.46 -23.41 11.42
CA ASP A 61 -28.95 -23.71 10.10
C ASP A 61 -28.38 -22.46 9.40
N LYS A 62 -28.89 -21.25 9.57
CA LYS A 62 -28.35 -20.08 8.94
C LYS A 62 -27.13 -19.57 9.74
N SER A 63 -26.84 -20.01 10.97
CA SER A 63 -25.88 -19.40 11.85
C SER A 63 -24.45 -19.42 11.36
N MET A 64 -24.29 -20.39 10.45
CA MET A 64 -22.99 -20.70 9.86
C MET A 64 -22.03 -21.21 10.93
N ILE A 65 -22.56 -21.77 11.99
CA ILE A 65 -21.76 -22.22 13.13
C ILE A 65 -21.86 -23.73 13.00
N LYS A 66 -20.76 -24.44 13.02
CA LYS A 66 -20.70 -25.88 13.02
C LYS A 66 -20.74 -26.55 14.38
N ARG A 67 -20.08 -25.98 15.36
CA ARG A 67 -20.15 -26.48 16.72
C ARG A 67 -19.73 -25.42 17.74
N ARG A 68 -20.05 -25.69 18.96
CA ARG A 68 -19.75 -24.78 20.09
C ARG A 68 -19.31 -25.69 21.22
N TYR A 69 -18.50 -25.23 22.12
CA TYR A 69 -18.10 -25.83 23.35
C TYR A 69 -18.96 -25.20 24.46
N MET A 70 -19.56 -26.03 25.27
CA MET A 70 -20.42 -25.59 26.36
C MET A 70 -20.02 -26.35 27.62
N TYR A 71 -19.73 -25.66 28.71
CA TYR A 71 -19.64 -26.13 30.05
C TYR A 71 -20.98 -26.81 30.42
N LEU A 72 -22.10 -26.23 30.10
CA LEU A 72 -23.41 -26.80 30.41
C LEU A 72 -23.52 -28.11 29.66
N THR A 73 -23.77 -29.20 30.31
CA THR A 73 -24.02 -30.52 29.81
C THR A 73 -25.45 -30.98 30.07
N GLU A 74 -25.73 -32.18 29.47
CA GLU A 74 -27.06 -32.73 29.75
C GLU A 74 -27.23 -33.05 31.23
N GLU A 75 -26.16 -33.61 31.78
CA GLU A 75 -26.21 -33.95 33.20
C GLU A 75 -26.40 -32.71 34.08
N ILE A 76 -25.67 -31.62 33.81
CA ILE A 76 -25.91 -30.41 34.63
C ILE A 76 -27.30 -29.88 34.45
N LEU A 77 -27.80 -29.90 33.17
CA LEU A 77 -29.10 -29.25 32.93
C LEU A 77 -30.23 -29.96 33.64
N LYS A 78 -30.03 -31.30 33.70
CA LYS A 78 -30.93 -32.18 34.39
C LYS A 78 -30.97 -32.04 35.90
N GLU A 79 -29.94 -31.52 36.56
CA GLU A 79 -29.99 -31.08 37.94
C GLU A 79 -30.37 -29.64 38.14
N ASN A 80 -30.61 -28.93 37.05
CA ASN A 80 -31.08 -27.56 37.14
C ASN A 80 -32.26 -27.32 36.24
N PRO A 81 -33.47 -27.80 36.58
CA PRO A 81 -34.65 -27.47 35.82
C PRO A 81 -34.88 -25.95 35.85
N ASN A 82 -34.47 -25.21 36.85
CA ASN A 82 -34.77 -23.75 36.91
C ASN A 82 -34.02 -23.11 35.75
N VAL A 83 -32.84 -23.65 35.42
CA VAL A 83 -31.99 -23.16 34.34
C VAL A 83 -32.56 -23.45 32.97
N CYS A 84 -33.34 -24.54 32.84
CA CYS A 84 -33.97 -24.82 31.55
C CYS A 84 -35.30 -24.10 31.29
N GLU A 85 -35.92 -23.42 32.23
CA GLU A 85 -37.19 -22.70 31.95
C GLU A 85 -36.77 -21.43 31.24
N TYR A 86 -37.66 -20.64 30.64
CA TYR A 86 -37.27 -19.35 30.06
C TYR A 86 -36.96 -18.38 31.18
N MET A 87 -37.73 -18.41 32.27
CA MET A 87 -37.51 -17.38 33.31
C MET A 87 -37.79 -17.98 34.67
N ALA A 88 -36.82 -18.64 35.28
CA ALA A 88 -36.99 -19.12 36.67
C ALA A 88 -35.82 -18.73 37.56
N PRO A 89 -36.02 -18.45 38.85
CA PRO A 89 -35.00 -17.99 39.75
C PRO A 89 -33.91 -19.03 39.67
N SER A 90 -32.72 -18.54 39.28
CA SER A 90 -31.62 -19.47 39.03
C SER A 90 -30.29 -18.81 38.99
N LEU A 91 -30.20 -17.50 39.26
CA LEU A 91 -28.88 -16.92 39.39
C LEU A 91 -27.96 -17.56 40.41
N ASP A 92 -28.36 -18.12 41.53
CA ASP A 92 -27.45 -18.64 42.53
C ASP A 92 -26.81 -19.91 41.94
N ALA A 93 -27.64 -20.69 41.22
CA ALA A 93 -27.11 -21.90 40.65
C ALA A 93 -26.10 -21.57 39.54
N ARG A 94 -26.48 -20.64 38.70
CA ARG A 94 -25.62 -20.23 37.58
C ARG A 94 -24.36 -19.55 38.05
N GLN A 95 -24.29 -18.69 39.07
CA GLN A 95 -23.15 -18.03 39.64
C GLN A 95 -22.21 -19.11 40.18
N ASP A 96 -22.73 -20.10 40.91
CA ASP A 96 -21.91 -21.16 41.47
C ASP A 96 -21.16 -21.77 40.27
N MET A 97 -21.85 -21.93 39.10
CA MET A 97 -21.11 -22.60 38.02
C MET A 97 -20.05 -21.66 37.47
N VAL A 98 -20.37 -20.42 37.08
CA VAL A 98 -19.40 -19.55 36.45
C VAL A 98 -18.35 -18.93 37.30
N VAL A 99 -18.48 -18.78 38.61
CA VAL A 99 -17.46 -18.13 39.44
C VAL A 99 -16.23 -19.01 39.49
N VAL A 100 -16.47 -20.29 39.24
CA VAL A 100 -15.47 -21.35 39.25
C VAL A 100 -14.95 -21.58 37.83
N GLU A 101 -15.87 -21.75 36.91
CA GLU A 101 -15.48 -22.11 35.54
C GLU A 101 -14.81 -20.95 34.80
N VAL A 102 -15.18 -19.70 34.97
CA VAL A 102 -14.52 -18.60 34.27
C VAL A 102 -13.05 -18.69 34.63
N PRO A 103 -12.59 -18.64 35.85
CA PRO A 103 -11.19 -18.63 36.18
C PRO A 103 -10.48 -19.92 35.78
N ARG A 104 -11.18 -21.05 35.94
CA ARG A 104 -10.71 -22.36 35.53
C ARG A 104 -10.31 -22.37 34.03
N LEU A 105 -11.25 -21.93 33.19
CA LEU A 105 -11.01 -21.91 31.76
C LEU A 105 -10.03 -20.78 31.42
N GLY A 106 -9.98 -19.65 32.14
CA GLY A 106 -8.96 -18.65 31.79
C GLY A 106 -7.57 -19.22 32.07
N LYS A 107 -7.41 -19.94 33.16
CA LYS A 107 -6.15 -20.47 33.61
C LYS A 107 -5.61 -21.35 32.48
N GLU A 108 -6.49 -22.15 31.89
CA GLU A 108 -6.04 -23.04 30.82
C GLU A 108 -5.48 -22.21 29.66
N ALA A 109 -6.21 -21.23 29.17
CA ALA A 109 -5.72 -20.33 28.12
C ALA A 109 -4.45 -19.59 28.58
N ALA A 110 -4.36 -19.09 29.82
CA ALA A 110 -3.20 -18.32 30.25
C ALA A 110 -1.95 -19.18 30.21
N VAL A 111 -2.07 -20.44 30.70
CA VAL A 111 -0.86 -21.30 30.85
C VAL A 111 -0.23 -21.49 29.48
N LYS A 112 -1.09 -21.69 28.49
CA LYS A 112 -0.73 -21.83 27.11
C LYS A 112 -0.01 -20.55 26.64
N ALA A 113 -0.62 -19.42 26.76
CA ALA A 113 0.05 -18.16 26.41
C ALA A 113 1.39 -18.08 27.15
N ILE A 114 1.53 -18.29 28.44
CA ILE A 114 2.77 -18.09 29.19
C ILE A 114 3.88 -18.99 28.65
N LYS A 115 3.48 -20.21 28.34
CA LYS A 115 4.37 -21.18 27.74
C LYS A 115 4.87 -20.72 26.39
N GLU A 116 3.99 -20.20 25.51
CA GLU A 116 4.47 -19.61 24.26
C GLU A 116 5.44 -18.45 24.50
N TRP A 117 5.14 -17.53 25.42
CA TRP A 117 5.97 -16.37 25.68
C TRP A 117 7.35 -16.87 26.05
N GLY A 118 7.41 -17.83 26.96
CA GLY A 118 8.73 -18.36 27.36
C GLY A 118 9.32 -17.72 28.58
N GLN A 119 8.90 -16.58 29.12
CA GLN A 119 9.54 -15.95 30.25
C GLN A 119 8.89 -16.36 31.57
N PRO A 120 9.58 -16.24 32.66
CA PRO A 120 9.07 -16.50 34.02
C PRO A 120 7.75 -15.75 34.26
N LYS A 121 6.79 -16.42 34.88
CA LYS A 121 5.50 -15.80 35.15
C LYS A 121 5.65 -14.68 36.18
N SER A 122 6.77 -14.58 36.88
CA SER A 122 7.00 -13.54 37.88
C SER A 122 7.32 -12.22 37.23
N LYS A 123 7.48 -12.23 35.92
CA LYS A 123 7.72 -11.01 35.14
C LYS A 123 6.34 -10.49 34.63
N ILE A 124 5.26 -11.13 35.05
CA ILE A 124 3.94 -10.60 34.66
C ILE A 124 3.63 -9.45 35.62
N THR A 125 3.53 -8.23 35.08
CA THR A 125 3.34 -7.12 36.06
C THR A 125 1.90 -6.64 36.20
N HIS A 126 1.11 -6.88 35.15
CA HIS A 126 -0.25 -6.43 35.08
C HIS A 126 -1.17 -7.56 34.60
N LEU A 127 -2.37 -7.74 35.07
CA LEU A 127 -3.30 -8.74 34.63
C LEU A 127 -4.72 -8.16 34.43
N ILE A 128 -5.16 -8.26 33.16
CA ILE A 128 -6.49 -7.80 32.76
C ILE A 128 -7.36 -9.05 32.64
N VAL A 129 -8.45 -9.15 33.40
CA VAL A 129 -9.35 -10.29 33.21
C VAL A 129 -10.74 -9.77 32.80
N CYS A 130 -11.25 -10.41 31.72
CA CYS A 130 -12.54 -9.90 31.23
C CYS A 130 -13.59 -10.97 31.09
N THR A 131 -14.83 -10.84 31.52
CA THR A 131 -15.88 -11.81 31.38
C THR A 131 -17.27 -11.15 31.44
N THR A 132 -18.24 -11.67 30.71
CA THR A 132 -19.63 -11.25 30.82
C THR A 132 -20.43 -12.25 31.66
N SER A 133 -19.75 -13.23 32.26
CA SER A 133 -20.56 -14.23 33.00
C SER A 133 -20.20 -14.26 34.49
N GLY A 134 -21.11 -13.97 35.42
CA GLY A 134 -20.64 -14.06 36.78
C GLY A 134 -19.86 -12.81 37.17
N VAL A 135 -20.00 -12.47 38.41
CA VAL A 135 -19.33 -11.37 39.09
C VAL A 135 -19.09 -11.98 40.49
N ASP A 136 -18.05 -11.63 41.19
CA ASP A 136 -17.86 -12.11 42.56
C ASP A 136 -16.74 -11.24 43.19
N MET A 137 -16.55 -11.30 44.46
CA MET A 137 -15.60 -10.53 45.26
C MET A 137 -14.89 -11.54 46.14
N PRO A 138 -13.61 -11.36 46.31
CA PRO A 138 -12.65 -11.09 45.28
C PRO A 138 -13.04 -11.64 43.91
N GLY A 139 -12.64 -10.94 42.84
CA GLY A 139 -12.99 -11.31 41.48
C GLY A 139 -12.17 -12.45 40.88
N ALA A 140 -12.48 -12.66 39.60
CA ALA A 140 -11.88 -13.69 38.81
C ALA A 140 -10.41 -13.38 38.58
N ASP A 141 -10.02 -12.10 38.58
CA ASP A 141 -8.67 -11.63 38.56
C ASP A 141 -7.86 -12.13 39.73
N TYR A 142 -8.37 -12.16 40.95
CA TYR A 142 -7.84 -12.65 42.17
C TYR A 142 -7.80 -14.19 41.99
N GLN A 143 -8.91 -14.77 41.53
CA GLN A 143 -8.81 -16.27 41.46
C GLN A 143 -7.64 -16.71 40.58
N LEU A 144 -7.49 -16.03 39.41
CA LEU A 144 -6.46 -16.33 38.45
C LEU A 144 -5.08 -15.94 38.95
N THR A 145 -4.89 -14.90 39.74
CA THR A 145 -3.62 -14.72 40.42
C THR A 145 -3.21 -15.92 41.24
N LYS A 146 -4.06 -16.47 42.05
CA LYS A 146 -3.85 -17.57 42.99
C LYS A 146 -3.63 -18.81 42.12
N LEU A 147 -4.55 -19.00 41.15
CA LEU A 147 -4.48 -20.20 40.34
C LEU A 147 -3.20 -20.28 39.53
N LEU A 148 -2.75 -19.22 38.89
CA LEU A 148 -1.47 -19.30 38.17
C LEU A 148 -0.23 -19.08 39.00
N GLY A 149 -0.17 -18.71 40.25
CA GLY A 149 1.01 -18.31 40.96
C GLY A 149 1.59 -16.96 40.50
N LEU A 150 0.84 -15.93 40.10
CA LEU A 150 1.55 -14.69 39.71
C LEU A 150 1.99 -14.04 41.03
N ARG A 151 2.86 -13.06 41.05
CA ARG A 151 3.20 -12.35 42.28
C ARG A 151 1.90 -11.76 42.87
N PRO A 152 1.84 -11.68 44.16
CA PRO A 152 0.69 -11.00 44.82
C PRO A 152 0.57 -9.52 44.47
N TYR A 153 1.65 -8.89 44.00
CA TYR A 153 1.64 -7.48 43.65
C TYR A 153 1.46 -7.22 42.15
N VAL A 154 0.87 -8.22 41.48
CA VAL A 154 0.47 -8.03 40.09
C VAL A 154 -0.65 -6.98 40.09
N LYS A 155 -0.63 -5.99 39.22
CA LYS A 155 -1.60 -4.95 39.10
C LYS A 155 -2.80 -5.46 38.32
N ARG A 156 -3.97 -5.52 38.92
CA ARG A 156 -5.16 -6.11 38.35
C ARG A 156 -6.27 -5.16 37.90
N TYR A 157 -6.87 -5.57 36.79
CA TYR A 157 -7.94 -4.82 36.12
C TYR A 157 -9.11 -5.75 35.85
N MET A 158 -10.10 -5.86 36.71
CA MET A 158 -11.15 -6.83 36.65
C MET A 158 -12.34 -6.27 35.86
N MET A 159 -12.48 -6.77 34.63
CA MET A 159 -13.53 -6.17 33.78
C MET A 159 -14.78 -7.08 33.75
N TYR A 160 -15.83 -6.82 34.48
CA TYR A 160 -17.03 -7.61 34.61
C TYR A 160 -18.13 -7.08 33.74
N GLN A 161 -19.07 -7.93 33.36
CA GLN A 161 -20.30 -7.61 32.66
C GLN A 161 -20.15 -6.67 31.47
N GLN A 162 -19.11 -6.91 30.69
CA GLN A 162 -18.70 -6.03 29.62
C GLN A 162 -19.47 -6.19 28.34
N GLY A 163 -19.52 -7.48 27.97
CA GLY A 163 -20.26 -7.80 26.76
C GLY A 163 -19.28 -8.05 25.62
N SER A 164 -19.88 -8.10 24.43
CA SER A 164 -19.21 -8.62 23.27
C SER A 164 -18.26 -7.70 22.56
N PHE A 165 -18.15 -6.42 22.93
CA PHE A 165 -17.17 -5.59 22.28
C PHE A 165 -15.85 -5.67 23.05
N ALA A 166 -15.79 -6.30 24.21
CA ALA A 166 -14.74 -6.14 25.21
C ALA A 166 -13.46 -6.90 24.84
N GLY A 167 -13.47 -7.51 23.66
CA GLY A 167 -12.21 -8.05 23.09
C GLY A 167 -11.42 -6.80 22.65
N GLY A 168 -12.14 -5.82 22.11
CA GLY A 168 -11.42 -4.59 21.76
C GLY A 168 -11.09 -3.88 23.10
N THR A 169 -11.99 -3.73 24.06
CA THR A 169 -11.66 -2.97 25.27
C THR A 169 -10.33 -3.38 25.88
N VAL A 170 -10.15 -4.69 26.05
CA VAL A 170 -8.98 -5.24 26.75
C VAL A 170 -7.67 -5.00 26.02
N LEU A 171 -7.72 -4.99 24.65
CA LEU A 171 -6.57 -4.48 23.97
C LEU A 171 -6.33 -2.95 24.06
N ARG A 172 -7.39 -2.19 23.99
CA ARG A 172 -7.26 -0.72 24.22
C ARG A 172 -6.64 -0.50 25.60
N LEU A 173 -7.08 -1.24 26.62
CA LEU A 173 -6.58 -1.10 27.98
C LEU A 173 -5.09 -1.45 28.01
N ALA A 174 -4.80 -2.70 27.59
CA ALA A 174 -3.46 -3.25 27.62
C ALA A 174 -2.47 -2.42 26.86
N LYS A 175 -2.85 -1.78 25.72
CA LYS A 175 -1.92 -0.85 25.10
C LYS A 175 -1.43 0.27 26.05
N ASP A 176 -2.32 1.02 26.73
CA ASP A 176 -1.77 2.04 27.63
C ASP A 176 -0.97 1.45 28.81
N LEU A 177 -1.39 0.29 29.32
CA LEU A 177 -0.66 -0.29 30.48
C LEU A 177 0.77 -0.61 30.09
N ALA A 178 0.91 -1.19 28.90
CA ALA A 178 2.28 -1.59 28.46
C ALA A 178 3.20 -0.43 28.03
N GLU A 179 2.63 0.50 27.28
CA GLU A 179 3.31 1.71 26.80
C GLU A 179 3.76 2.68 27.87
N ASN A 180 3.07 2.91 28.96
CA ASN A 180 3.37 3.89 29.98
C ASN A 180 4.25 3.36 31.06
N ASN A 181 4.57 2.03 31.00
CA ASN A 181 5.23 1.41 32.15
C ASN A 181 6.38 0.56 31.61
N LYS A 182 7.62 1.06 31.68
CA LYS A 182 8.81 0.35 31.25
C LYS A 182 8.91 -1.01 31.94
N GLY A 183 9.12 -2.02 31.12
CA GLY A 183 9.19 -3.41 31.50
C GLY A 183 7.86 -4.12 31.70
N ALA A 184 6.72 -3.42 31.72
CA ALA A 184 5.43 -4.03 32.04
C ALA A 184 5.15 -5.13 31.05
N ARG A 185 4.65 -6.25 31.49
CA ARG A 185 4.22 -7.40 30.73
C ARG A 185 2.79 -7.75 31.18
N VAL A 186 1.82 -7.60 30.30
CA VAL A 186 0.39 -7.61 30.68
C VAL A 186 -0.23 -8.97 30.35
N LEU A 187 -0.71 -9.74 31.27
CA LEU A 187 -1.39 -10.97 30.90
C LEU A 187 -2.85 -10.51 30.72
N VAL A 188 -3.35 -10.85 29.53
CA VAL A 188 -4.74 -10.47 29.20
C VAL A 188 -5.59 -11.72 29.13
N VAL A 189 -6.70 -11.87 29.81
CA VAL A 189 -7.54 -13.06 29.76
C VAL A 189 -9.03 -12.70 29.62
N CYS A 190 -9.57 -13.08 28.46
CA CYS A 190 -11.02 -13.01 28.26
C CYS A 190 -11.62 -14.43 28.41
N SER A 191 -12.58 -14.64 29.29
CA SER A 191 -13.13 -15.97 29.46
C SER A 191 -14.65 -15.86 29.63
N GLU A 192 -15.30 -16.55 28.69
CA GLU A 192 -16.74 -16.40 28.58
C GLU A 192 -17.45 -17.75 28.68
N VAL A 193 -18.48 -17.88 29.53
CA VAL A 193 -19.21 -19.12 29.74
C VAL A 193 -20.70 -18.81 29.72
N THR A 194 -21.39 -19.45 28.80
CA THR A 194 -22.82 -19.13 28.63
C THR A 194 -23.75 -19.76 29.62
N ALA A 195 -23.24 -20.38 30.69
CA ALA A 195 -24.16 -20.80 31.75
C ALA A 195 -25.02 -19.69 32.35
N VAL A 196 -24.68 -18.40 32.32
CA VAL A 196 -25.57 -17.39 32.99
C VAL A 196 -26.69 -17.04 32.03
N THR A 197 -26.55 -17.31 30.73
CA THR A 197 -27.51 -16.84 29.75
C THR A 197 -28.38 -17.91 29.09
N PHE A 198 -27.99 -19.14 29.11
CA PHE A 198 -28.73 -20.30 28.66
C PHE A 198 -30.15 -20.37 29.31
N ARG A 199 -31.18 -20.50 28.50
CA ARG A 199 -32.52 -20.59 29.10
C ARG A 199 -33.46 -21.24 28.10
N GLY A 200 -34.64 -21.74 28.46
CA GLY A 200 -35.55 -22.28 27.50
C GLY A 200 -36.09 -21.20 26.56
N PRO A 201 -36.79 -21.71 25.52
CA PRO A 201 -37.52 -20.87 24.59
C PRO A 201 -38.92 -20.36 24.95
N SER A 202 -39.24 -19.20 24.37
CA SER A 202 -40.50 -18.51 24.58
C SER A 202 -40.77 -17.91 23.19
N ASP A 203 -42.02 -18.09 22.71
CA ASP A 203 -42.35 -17.46 21.45
C ASP A 203 -42.53 -15.96 21.55
N THR A 204 -42.65 -15.26 22.64
CA THR A 204 -42.83 -13.82 22.75
C THR A 204 -41.51 -13.13 22.99
N HIS A 205 -40.42 -13.93 22.97
CA HIS A 205 -39.05 -13.51 23.18
C HIS A 205 -38.08 -14.23 22.26
N LEU A 206 -38.30 -14.02 20.95
CA LEU A 206 -37.45 -14.61 19.93
C LEU A 206 -36.04 -14.09 19.98
N ASP A 207 -35.80 -12.82 20.34
CA ASP A 207 -34.47 -12.24 20.50
C ASP A 207 -33.65 -13.12 21.40
N SER A 208 -34.14 -13.60 22.55
CA SER A 208 -33.38 -14.45 23.46
C SER A 208 -33.09 -15.74 22.71
N LEU A 209 -34.04 -16.16 21.87
CA LEU A 209 -33.96 -17.43 21.13
C LEU A 209 -32.73 -17.38 20.21
N VAL A 210 -32.51 -16.23 19.55
CA VAL A 210 -31.34 -16.05 18.73
C VAL A 210 -30.03 -16.16 19.52
N GLY A 211 -29.88 -15.60 20.72
CA GLY A 211 -28.59 -15.78 21.40
C GLY A 211 -28.31 -17.25 21.73
N GLN A 212 -29.33 -18.08 21.92
CA GLN A 212 -29.29 -19.49 22.20
C GLN A 212 -28.71 -20.32 21.06
N ALA A 213 -29.01 -19.88 19.84
CA ALA A 213 -28.44 -20.44 18.62
C ALA A 213 -26.99 -19.98 18.37
N LEU A 214 -26.49 -18.86 18.89
CA LEU A 214 -25.17 -18.41 18.60
C LEU A 214 -24.14 -18.45 19.73
N PHE A 215 -24.42 -18.31 21.00
CA PHE A 215 -23.36 -18.04 21.99
C PHE A 215 -22.69 -19.36 22.26
N GLY A 216 -21.36 -19.28 22.35
CA GLY A 216 -20.55 -20.43 22.79
C GLY A 216 -19.48 -20.12 23.81
N ASP A 217 -18.84 -21.15 24.40
CA ASP A 217 -17.90 -20.92 25.50
C ASP A 217 -16.45 -20.84 25.09
N GLY A 218 -15.62 -20.04 25.75
CA GLY A 218 -14.19 -20.07 25.36
C GLY A 218 -13.46 -18.94 26.12
N ALA A 219 -12.15 -19.24 26.29
CA ALA A 219 -11.25 -18.28 26.84
C ALA A 219 -10.04 -18.11 25.93
N ALA A 220 -9.54 -16.88 25.85
CA ALA A 220 -8.28 -16.57 25.14
C ALA A 220 -7.43 -15.68 26.04
N ALA A 221 -6.11 -15.87 25.93
CA ALA A 221 -5.17 -15.13 26.77
C ALA A 221 -4.05 -14.54 25.95
N LEU A 222 -3.50 -13.37 26.25
CA LEU A 222 -2.45 -12.71 25.55
C LEU A 222 -1.39 -12.39 26.62
N ILE A 223 -0.20 -12.15 26.05
CA ILE A 223 0.88 -11.47 26.76
C ILE A 223 1.11 -10.16 25.98
N VAL A 224 1.03 -8.98 26.53
CA VAL A 224 1.23 -7.75 25.79
C VAL A 224 2.37 -7.05 26.51
N GLY A 225 3.24 -6.48 25.65
CA GLY A 225 4.34 -5.71 26.25
C GLY A 225 4.96 -4.71 25.28
N SER A 226 5.56 -3.60 25.74
CA SER A 226 6.27 -2.74 24.80
C SER A 226 7.75 -3.14 24.91
N ASP A 227 8.58 -2.79 23.94
CA ASP A 227 10.03 -2.91 23.89
C ASP A 227 10.46 -4.37 24.14
N PRO A 228 9.99 -5.21 23.23
CA PRO A 228 10.22 -6.63 23.35
C PRO A 228 11.71 -6.92 23.35
N VAL A 229 12.13 -7.96 24.03
CA VAL A 229 13.55 -8.28 24.03
C VAL A 229 13.81 -9.04 22.73
N PRO A 230 14.60 -8.42 21.84
CA PRO A 230 14.92 -8.97 20.54
C PRO A 230 15.47 -10.39 20.56
N GLU A 231 14.85 -11.31 19.78
CA GLU A 231 15.26 -12.70 19.77
C GLU A 231 15.02 -13.49 21.04
N ILE A 232 14.47 -13.05 22.13
CA ILE A 232 14.11 -13.73 23.33
C ILE A 232 12.56 -13.70 23.32
N GLU A 233 11.99 -12.51 23.09
CA GLU A 233 10.54 -12.41 23.00
C GLU A 233 10.18 -12.47 21.54
N LYS A 234 8.93 -12.65 21.15
CA LYS A 234 8.59 -12.68 19.74
C LYS A 234 7.30 -11.98 19.32
N PRO A 235 7.41 -10.75 18.84
CA PRO A 235 6.24 -9.94 18.51
C PRO A 235 5.27 -10.67 17.63
N ILE A 236 3.96 -10.59 17.68
CA ILE A 236 3.02 -11.18 16.77
C ILE A 236 2.21 -10.09 16.08
N PHE A 237 1.72 -9.09 16.82
CA PHE A 237 1.05 -7.90 16.27
C PHE A 237 1.48 -6.65 17.08
N GLU A 238 1.45 -5.46 16.49
CA GLU A 238 1.64 -4.26 17.31
C GLU A 238 0.25 -3.59 17.31
N MET A 239 -0.11 -2.91 18.35
CA MET A 239 -1.23 -2.00 18.44
C MET A 239 -0.69 -0.59 18.15
N VAL A 240 -1.41 0.17 17.34
CA VAL A 240 -1.02 1.53 16.98
C VAL A 240 -2.02 2.59 17.45
N TRP A 241 -3.32 2.38 17.36
CA TRP A 241 -4.29 3.43 17.66
C TRP A 241 -5.57 2.77 18.11
N THR A 242 -6.47 3.26 18.96
CA THR A 242 -7.70 2.55 19.28
C THR A 242 -8.79 3.63 19.42
N ALA A 243 -10.03 3.20 19.39
CA ALA A 243 -11.17 4.04 19.54
C ALA A 243 -12.36 3.28 20.11
N GLN A 244 -13.30 3.90 20.78
CA GLN A 244 -14.53 3.27 21.18
C GLN A 244 -15.65 4.30 20.84
N THR A 245 -16.68 3.86 20.09
CA THR A 245 -17.80 4.83 19.95
C THR A 245 -19.15 4.20 20.17
N ILE A 246 -20.22 4.95 20.20
CA ILE A 246 -21.60 4.52 20.37
C ILE A 246 -22.27 4.95 19.09
N ALA A 247 -22.80 4.00 18.33
CA ALA A 247 -23.47 4.38 17.09
C ALA A 247 -24.76 5.16 17.38
N PRO A 248 -25.09 6.12 16.52
CA PRO A 248 -26.27 6.93 16.64
C PRO A 248 -27.47 6.09 16.23
N ASP A 249 -28.62 6.39 16.82
CA ASP A 249 -29.84 5.68 16.58
C ASP A 249 -29.73 4.23 16.98
N SER A 250 -29.00 3.91 18.03
CA SER A 250 -28.93 2.49 18.44
C SER A 250 -29.30 2.22 19.86
N GLU A 251 -29.98 3.08 20.58
CA GLU A 251 -30.36 2.80 21.97
C GLU A 251 -31.21 1.54 22.01
N GLY A 252 -30.77 0.65 22.89
CA GLY A 252 -31.42 -0.61 23.20
C GLY A 252 -31.19 -1.67 22.14
N ALA A 253 -30.27 -1.49 21.21
CA ALA A 253 -29.96 -2.44 20.20
C ALA A 253 -29.52 -3.76 20.85
N ILE A 254 -28.61 -3.73 21.81
CA ILE A 254 -28.29 -4.91 22.60
C ILE A 254 -28.37 -4.71 24.11
N ASP A 255 -29.38 -5.21 24.82
CA ASP A 255 -29.43 -4.94 26.29
C ASP A 255 -29.12 -6.26 26.99
N GLY A 256 -28.55 -6.38 28.16
CA GLY A 256 -28.35 -7.49 29.01
C GLY A 256 -28.56 -7.18 30.48
N HIS A 257 -29.44 -7.90 31.17
CA HIS A 257 -29.74 -7.54 32.58
C HIS A 257 -29.44 -8.75 33.40
N LEU A 258 -28.69 -8.69 34.45
CA LEU A 258 -28.43 -9.78 35.37
C LEU A 258 -29.52 -9.71 36.46
N ARG A 259 -30.33 -10.72 36.55
CA ARG A 259 -31.52 -10.76 37.39
C ARG A 259 -31.55 -12.06 38.16
N GLU A 260 -32.56 -12.35 38.95
CA GLU A 260 -32.61 -13.54 39.77
C GLU A 260 -32.69 -14.77 38.84
N ALA A 261 -33.09 -14.54 37.56
CA ALA A 261 -33.28 -15.62 36.61
C ALA A 261 -32.04 -15.77 35.75
N GLY A 262 -30.97 -15.05 36.04
CA GLY A 262 -29.74 -15.08 35.29
C GLY A 262 -29.66 -13.86 34.38
N LEU A 263 -28.83 -14.08 33.36
CA LEU A 263 -28.58 -12.97 32.44
C LEU A 263 -29.50 -13.00 31.23
N THR A 264 -30.39 -12.05 31.08
CA THR A 264 -31.31 -12.02 29.99
C THR A 264 -30.88 -10.90 29.02
N PHE A 265 -30.94 -11.31 27.74
CA PHE A 265 -30.56 -10.39 26.66
C PHE A 265 -31.70 -10.03 25.73
N HIS A 266 -31.80 -8.75 25.28
CA HIS A 266 -32.90 -8.20 24.55
C HIS A 266 -32.33 -7.46 23.35
N LEU A 267 -32.84 -7.79 22.15
CA LEU A 267 -32.33 -7.14 20.95
C LEU A 267 -33.40 -6.20 20.41
N LEU A 268 -33.28 -4.88 20.59
CA LEU A 268 -34.43 -4.03 20.27
C LEU A 268 -34.28 -3.23 18.99
N LYS A 269 -33.21 -3.43 18.23
CA LYS A 269 -33.05 -2.73 16.96
C LYS A 269 -32.49 -3.66 15.89
N ASP A 270 -31.95 -3.16 14.77
CA ASP A 270 -31.40 -4.08 13.77
C ASP A 270 -29.86 -4.08 13.83
N VAL A 271 -29.24 -4.92 14.63
CA VAL A 271 -27.81 -4.94 14.89
C VAL A 271 -26.96 -4.96 13.64
N PRO A 272 -27.14 -5.92 12.72
CA PRO A 272 -26.43 -5.99 11.45
C PRO A 272 -26.53 -4.74 10.63
N GLY A 273 -27.66 -4.03 10.50
CA GLY A 273 -27.62 -2.75 9.78
C GLY A 273 -27.01 -1.66 10.67
N ILE A 274 -27.06 -1.67 12.01
CA ILE A 274 -26.45 -0.48 12.70
C ILE A 274 -24.94 -0.56 12.48
N VAL A 275 -24.42 -1.80 12.62
CA VAL A 275 -22.99 -2.00 12.47
C VAL A 275 -22.47 -1.60 11.07
N SER A 276 -23.17 -2.09 10.07
CA SER A 276 -22.84 -1.85 8.69
C SER A 276 -22.97 -0.40 8.27
N LYS A 277 -23.96 0.30 8.77
CA LYS A 277 -24.12 1.72 8.53
C LYS A 277 -22.98 2.49 9.17
N ASN A 278 -22.43 2.08 10.34
CA ASN A 278 -21.48 2.90 11.05
C ASN A 278 -20.02 2.47 10.86
N ILE A 279 -19.88 1.34 10.14
CA ILE A 279 -18.50 0.81 10.06
C ILE A 279 -17.58 1.63 9.20
N THR A 280 -18.06 2.30 8.17
CA THR A 280 -17.23 3.16 7.37
C THR A 280 -16.72 4.36 8.16
N LYS A 281 -17.53 5.07 8.94
CA LYS A 281 -17.14 6.15 9.81
C LYS A 281 -15.92 5.66 10.61
N ALA A 282 -16.01 4.46 11.20
CA ALA A 282 -14.97 3.96 12.09
C ALA A 282 -13.62 3.72 11.40
N LEU A 283 -13.76 3.11 10.21
CA LEU A 283 -12.61 2.96 9.33
C LEU A 283 -12.00 4.32 8.90
N VAL A 284 -12.77 5.32 8.47
CA VAL A 284 -12.10 6.60 8.15
C VAL A 284 -11.53 7.17 9.41
N GLU A 285 -12.04 7.05 10.63
CA GLU A 285 -11.39 7.67 11.80
C GLU A 285 -10.03 7.02 11.98
N ALA A 286 -10.02 5.71 11.70
CA ALA A 286 -8.85 4.88 12.02
C ALA A 286 -7.72 5.01 11.00
N PHE A 287 -8.06 4.93 9.72
CA PHE A 287 -7.16 4.91 8.64
C PHE A 287 -6.89 6.15 7.81
N GLU A 288 -7.74 7.15 7.90
CA GLU A 288 -7.45 8.39 7.17
C GLU A 288 -6.15 8.93 7.65
N PRO A 289 -5.81 8.90 8.94
CA PRO A 289 -4.56 9.53 9.39
C PRO A 289 -3.36 8.78 8.84
N LEU A 290 -3.60 7.52 8.47
CA LEU A 290 -2.56 6.61 7.97
C LEU A 290 -2.43 6.61 6.47
N GLY A 291 -3.25 7.43 5.84
CA GLY A 291 -3.21 7.57 4.39
C GLY A 291 -3.87 6.35 3.77
N ILE A 292 -4.66 5.55 4.48
CA ILE A 292 -5.24 4.41 3.78
C ILE A 292 -6.75 4.43 3.65
N SER A 293 -7.16 4.17 2.38
CA SER A 293 -8.58 4.25 2.05
C SER A 293 -9.09 2.97 1.42
N ASP A 294 -8.15 2.13 0.98
CA ASP A 294 -8.60 0.86 0.39
C ASP A 294 -8.75 -0.18 1.51
N TYR A 295 -9.96 -0.65 1.78
CA TYR A 295 -10.21 -1.47 2.97
C TYR A 295 -9.92 -2.93 2.69
N ASN A 296 -9.64 -3.21 1.40
CA ASN A 296 -9.16 -4.54 1.07
C ASN A 296 -7.66 -4.64 1.22
N SER A 297 -6.88 -3.59 1.39
CA SER A 297 -5.41 -3.70 1.51
C SER A 297 -4.90 -3.88 2.93
N ILE A 298 -5.76 -4.08 3.91
CA ILE A 298 -5.47 -4.21 5.31
C ILE A 298 -5.94 -5.61 5.68
N PHE A 299 -5.53 -6.17 6.81
CA PHE A 299 -6.15 -7.41 7.30
C PHE A 299 -7.27 -7.12 8.30
N TRP A 300 -8.21 -8.12 8.35
CA TRP A 300 -9.46 -7.90 9.10
C TRP A 300 -9.79 -8.79 10.26
N ILE A 301 -10.27 -8.34 11.41
CA ILE A 301 -10.67 -9.18 12.52
C ILE A 301 -12.02 -8.46 12.94
N ALA A 302 -13.13 -9.19 12.88
CA ALA A 302 -14.41 -8.53 13.23
C ALA A 302 -15.15 -9.40 14.23
N HIS A 303 -15.70 -8.87 15.32
CA HIS A 303 -16.42 -9.75 16.19
C HIS A 303 -17.62 -10.24 15.37
N PRO A 304 -17.67 -11.55 15.23
CA PRO A 304 -18.81 -12.25 14.61
C PRO A 304 -20.07 -12.41 15.46
N GLY A 305 -20.77 -11.32 15.84
CA GLY A 305 -22.01 -11.39 16.64
C GLY A 305 -22.95 -12.45 16.09
N GLY A 306 -23.01 -12.46 14.75
CA GLY A 306 -23.73 -13.44 13.96
C GLY A 306 -23.24 -13.21 12.54
N PRO A 307 -23.55 -14.16 11.64
CA PRO A 307 -23.14 -14.02 10.26
C PRO A 307 -23.78 -12.91 9.44
N ALA A 308 -24.94 -12.36 9.76
CA ALA A 308 -25.49 -11.25 9.00
C ALA A 308 -24.66 -10.00 9.29
N ILE A 309 -24.00 -9.86 10.43
CA ILE A 309 -23.21 -8.67 10.74
C ILE A 309 -22.10 -8.65 9.68
N LEU A 310 -21.47 -9.84 9.62
CA LEU A 310 -20.37 -10.04 8.68
C LEU A 310 -20.76 -9.91 7.24
N ASP A 311 -21.88 -10.55 6.85
CA ASP A 311 -22.23 -10.33 5.46
C ASP A 311 -22.63 -8.87 5.21
N GLN A 312 -23.33 -8.24 6.14
CA GLN A 312 -23.71 -6.85 5.78
C GLN A 312 -22.47 -5.98 5.74
N VAL A 313 -21.46 -6.22 6.54
CA VAL A 313 -20.28 -5.32 6.50
C VAL A 313 -19.56 -5.47 5.16
N GLU A 314 -19.43 -6.76 4.84
CA GLU A 314 -18.81 -7.22 3.61
C GLU A 314 -19.44 -6.61 2.36
N GLN A 315 -20.77 -6.61 2.29
CA GLN A 315 -21.50 -5.94 1.24
C GLN A 315 -21.35 -4.42 1.29
N LYS A 316 -21.48 -3.71 2.40
CA LYS A 316 -21.38 -2.27 2.47
C LYS A 316 -20.07 -1.81 1.84
N LEU A 317 -18.97 -2.48 2.26
CA LEU A 317 -17.66 -2.07 1.94
C LEU A 317 -16.98 -2.60 0.69
N ALA A 318 -17.67 -3.50 0.04
CA ALA A 318 -17.29 -4.39 -1.01
C ALA A 318 -15.96 -5.09 -0.71
N LEU A 319 -15.87 -5.77 0.45
CA LEU A 319 -14.72 -6.48 0.92
C LEU A 319 -14.67 -7.75 0.05
N LYS A 320 -13.46 -8.14 -0.35
CA LYS A 320 -13.42 -9.46 -1.03
C LYS A 320 -13.81 -10.53 -0.04
N PRO A 321 -14.44 -11.60 -0.46
CA PRO A 321 -14.93 -12.68 0.39
C PRO A 321 -13.91 -13.24 1.37
N GLU A 322 -12.63 -13.22 0.95
CA GLU A 322 -11.55 -13.67 1.78
C GLU A 322 -11.11 -12.77 2.95
N LYS A 323 -11.40 -11.49 2.92
CA LYS A 323 -11.07 -10.68 4.12
C LYS A 323 -11.59 -11.38 5.37
N MET A 324 -12.84 -11.83 5.36
CA MET A 324 -13.48 -12.36 6.56
C MET A 324 -13.18 -13.81 6.91
N ASN A 325 -12.24 -14.42 6.18
CA ASN A 325 -11.94 -15.83 6.41
C ASN A 325 -11.56 -16.27 7.82
N ALA A 326 -10.59 -15.65 8.46
CA ALA A 326 -10.27 -16.13 9.82
C ALA A 326 -11.50 -15.82 10.70
N THR A 327 -12.18 -14.71 10.49
CA THR A 327 -13.31 -14.41 11.40
C THR A 327 -14.29 -15.57 11.33
N ARG A 328 -14.63 -15.81 10.06
CA ARG A 328 -15.65 -16.80 9.76
C ARG A 328 -15.35 -18.20 10.24
N GLU A 329 -14.06 -18.57 10.17
CA GLU A 329 -13.58 -19.86 10.60
C GLU A 329 -13.71 -20.00 12.12
N VAL A 330 -13.47 -18.96 12.88
CA VAL A 330 -13.69 -19.05 14.35
C VAL A 330 -15.20 -19.11 14.56
N LEU A 331 -16.01 -18.42 13.74
CA LEU A 331 -17.47 -18.49 13.98
C LEU A 331 -17.94 -19.94 13.86
N SER A 332 -17.39 -20.54 12.78
CA SER A 332 -17.73 -21.93 12.44
C SER A 332 -17.31 -22.97 13.43
N GLU A 333 -16.10 -22.87 13.97
CA GLU A 333 -15.63 -23.78 14.98
C GLU A 333 -16.03 -23.57 16.43
N TYR A 334 -16.41 -22.37 16.83
CA TYR A 334 -16.65 -22.07 18.21
C TYR A 334 -17.95 -21.29 18.45
N GLY A 335 -18.50 -20.67 17.41
CA GLY A 335 -19.72 -19.86 17.66
C GLY A 335 -19.29 -18.50 18.21
N ASN A 336 -20.27 -17.68 18.57
CA ASN A 336 -19.97 -16.40 19.19
C ASN A 336 -19.61 -16.65 20.66
N MET A 337 -18.30 -16.52 20.91
CA MET A 337 -17.80 -16.48 22.30
C MET A 337 -17.53 -15.06 22.89
N SER A 338 -18.44 -14.16 22.59
CA SER A 338 -18.41 -12.85 23.25
C SER A 338 -17.00 -12.27 23.25
N SER A 339 -16.42 -11.73 24.29
CA SER A 339 -15.22 -10.96 24.29
C SER A 339 -14.07 -11.79 23.78
N ALA A 340 -14.07 -13.10 23.98
CA ALA A 340 -12.96 -13.93 23.65
C ALA A 340 -12.82 -14.04 22.14
N CYS A 341 -13.86 -13.90 21.36
CA CYS A 341 -13.94 -14.24 19.97
C CYS A 341 -12.94 -13.56 19.07
N VAL A 342 -12.70 -12.27 19.20
CA VAL A 342 -11.74 -11.47 18.40
C VAL A 342 -10.36 -11.96 18.73
N LEU A 343 -10.08 -12.48 19.91
CA LEU A 343 -8.72 -12.91 20.30
C LEU A 343 -8.40 -14.25 19.66
N PHE A 344 -9.35 -15.16 19.56
CA PHE A 344 -9.29 -16.43 18.89
C PHE A 344 -9.09 -16.09 17.40
N ILE A 345 -9.68 -15.08 16.82
CA ILE A 345 -9.46 -14.66 15.46
C ILE A 345 -8.03 -14.19 15.23
N LEU A 346 -7.42 -13.37 16.07
CA LEU A 346 -5.99 -13.05 15.95
C LEU A 346 -5.13 -14.30 15.94
N ASP A 347 -5.44 -15.21 16.85
CA ASP A 347 -4.65 -16.45 16.93
C ASP A 347 -4.78 -17.20 15.60
N GLU A 348 -5.97 -17.40 15.06
CA GLU A 348 -6.24 -18.14 13.83
C GLU A 348 -5.53 -17.52 12.64
N MET A 349 -5.66 -16.20 12.52
CA MET A 349 -5.02 -15.49 11.45
C MET A 349 -3.51 -15.64 11.56
N ARG A 350 -2.87 -15.48 12.70
CA ARG A 350 -1.45 -15.51 12.79
C ARG A 350 -1.01 -16.98 12.59
N LYS A 351 -1.76 -17.92 13.16
CA LYS A 351 -1.40 -19.33 12.90
C LYS A 351 -1.53 -19.66 11.41
N LYS A 352 -2.51 -19.29 10.63
CA LYS A 352 -2.70 -19.62 9.24
C LYS A 352 -1.65 -18.91 8.37
N SER A 353 -1.39 -17.63 8.69
CA SER A 353 -0.39 -16.87 7.96
C SER A 353 0.97 -17.58 8.04
N THR A 354 1.45 -18.04 9.17
CA THR A 354 2.67 -18.61 9.55
C THR A 354 2.74 -20.02 8.96
N GLN A 355 1.68 -20.80 9.26
CA GLN A 355 1.56 -22.14 8.71
C GLN A 355 1.63 -22.04 7.19
N ASN A 356 0.98 -21.12 6.48
CA ASN A 356 1.05 -21.06 5.04
C ASN A 356 2.25 -20.29 4.51
N GLY A 357 3.26 -19.92 5.27
CA GLY A 357 4.39 -19.17 4.76
C GLY A 357 4.12 -17.78 4.19
N LEU A 358 3.18 -17.02 4.67
CA LEU A 358 2.95 -15.65 4.15
C LEU A 358 4.07 -14.76 4.68
N LYS A 359 4.15 -13.51 4.22
CA LYS A 359 5.22 -12.66 4.74
C LYS A 359 4.90 -12.11 6.12
N THR A 360 3.65 -11.94 6.52
CA THR A 360 3.51 -11.25 7.87
C THR A 360 2.50 -12.05 8.63
N THR A 361 2.25 -11.80 9.89
CA THR A 361 1.23 -12.47 10.65
C THR A 361 -0.14 -11.92 10.31
N GLY A 362 -0.27 -10.87 9.54
CA GLY A 362 -1.54 -10.26 9.11
C GLY A 362 -1.78 -10.62 7.69
N GLU A 363 -1.69 -11.96 7.43
CA GLU A 363 -1.99 -12.50 6.10
C GLU A 363 -1.07 -11.97 5.02
N GLY A 364 0.15 -11.52 5.28
CA GLY A 364 0.99 -10.91 4.24
C GLY A 364 0.76 -9.39 4.13
N LEU A 365 -0.13 -8.73 4.89
CA LEU A 365 -0.27 -7.26 4.70
C LEU A 365 0.37 -6.65 5.93
N GLU A 366 0.64 -5.37 5.85
CA GLU A 366 1.15 -4.56 6.88
C GLU A 366 0.07 -4.17 7.91
N TRP A 367 -0.96 -3.42 7.51
CA TRP A 367 -1.84 -2.78 8.49
C TRP A 367 -3.10 -3.58 8.67
N GLY A 368 -3.74 -3.64 9.82
CA GLY A 368 -4.99 -4.37 9.98
C GLY A 368 -5.91 -3.59 10.92
N VAL A 369 -7.13 -4.16 11.01
CA VAL A 369 -8.10 -3.56 11.94
C VAL A 369 -8.82 -4.65 12.71
N LEU A 370 -9.10 -4.49 13.99
CA LEU A 370 -9.90 -5.39 14.80
C LEU A 370 -11.08 -4.55 15.34
N PHE A 371 -12.24 -5.12 15.14
CA PHE A 371 -13.49 -4.53 15.66
C PHE A 371 -14.25 -5.28 16.71
N GLY A 372 -14.72 -4.70 17.80
CA GLY A 372 -15.55 -5.45 18.80
C GLY A 372 -16.92 -4.80 18.73
N PHE A 373 -18.03 -5.53 18.84
CA PHE A 373 -19.35 -4.92 18.73
C PHE A 373 -20.23 -5.36 19.89
N GLY A 374 -21.12 -4.60 20.51
CA GLY A 374 -21.86 -5.14 21.66
C GLY A 374 -22.71 -3.95 22.18
N PRO A 375 -23.24 -4.12 23.37
CA PRO A 375 -24.15 -3.16 24.01
C PRO A 375 -23.73 -1.72 23.83
N GLY A 376 -24.64 -0.81 23.51
CA GLY A 376 -24.31 0.62 23.41
C GLY A 376 -25.45 0.85 22.35
N LEU A 377 -25.29 0.91 21.04
CA LEU A 377 -24.56 -0.16 20.38
C LEU A 377 -23.11 0.38 20.33
N THR A 378 -22.19 -0.41 20.89
CA THR A 378 -20.82 0.04 21.02
C THR A 378 -19.94 -0.54 19.94
N ILE A 379 -19.04 0.22 19.34
CA ILE A 379 -18.06 -0.23 18.38
C ILE A 379 -16.65 0.03 18.89
N GLU A 380 -15.88 -1.06 19.08
CA GLU A 380 -14.48 -0.87 19.57
C GLU A 380 -13.60 -1.06 18.30
N THR A 381 -12.71 -0.15 18.05
CA THR A 381 -11.70 -0.19 17.00
C THR A 381 -10.29 -0.33 17.60
N VAL A 382 -9.52 -1.30 17.06
CA VAL A 382 -8.05 -1.34 17.32
C VAL A 382 -7.30 -1.43 15.98
N VAL A 383 -6.32 -0.57 15.81
CA VAL A 383 -5.52 -0.50 14.58
C VAL A 383 -4.25 -1.29 14.94
N LEU A 384 -3.99 -2.24 14.03
CA LEU A 384 -2.88 -3.15 14.24
C LEU A 384 -1.80 -3.14 13.18
N ARG A 385 -0.54 -3.46 13.61
CA ARG A 385 0.44 -3.62 12.53
C ARG A 385 0.98 -5.03 12.61
N SER A 386 1.04 -5.71 11.43
CA SER A 386 1.56 -7.08 11.50
C SER A 386 3.08 -7.12 11.73
N VAL A 387 3.57 -8.39 11.79
CA VAL A 387 4.98 -8.58 12.10
C VAL A 387 5.54 -9.48 11.01
N ALA A 388 6.72 -9.19 10.57
CA ALA A 388 7.37 -9.97 9.53
C ALA A 388 7.66 -11.39 10.08
N ILE A 389 7.13 -12.24 9.22
CA ILE A 389 7.15 -13.69 9.17
C ILE A 389 6.11 -14.37 10.04
N MET B 1 40.15 -27.17 -17.43
CA MET B 1 40.82 -26.15 -16.59
C MET B 1 39.90 -24.99 -16.18
N VAL B 2 40.10 -23.80 -16.76
CA VAL B 2 39.31 -22.63 -16.45
C VAL B 2 37.83 -22.98 -16.37
N SER B 3 37.13 -22.59 -15.33
CA SER B 3 35.71 -22.84 -15.25
C SER B 3 34.88 -21.59 -15.60
N VAL B 4 33.93 -21.81 -16.55
CA VAL B 4 33.07 -20.67 -16.92
C VAL B 4 32.06 -20.29 -15.84
N SER B 5 31.59 -21.31 -15.09
CA SER B 5 30.62 -20.93 -14.05
C SER B 5 31.29 -20.18 -12.93
N GLU B 6 32.55 -20.44 -12.59
CA GLU B 6 33.24 -19.59 -11.61
C GLU B 6 33.44 -18.18 -12.16
N ILE B 7 33.85 -18.13 -13.45
CA ILE B 7 34.01 -16.82 -14.09
C ILE B 7 32.68 -16.06 -14.06
N ARG B 8 31.60 -16.77 -14.41
CA ARG B 8 30.28 -16.13 -14.43
C ARG B 8 29.76 -15.73 -13.05
N LYS B 9 29.97 -16.51 -12.00
CA LYS B 9 29.61 -16.04 -10.63
C LYS B 9 30.41 -14.85 -10.11
N ALA B 10 31.68 -14.77 -10.49
CA ALA B 10 32.54 -13.68 -10.09
C ALA B 10 32.30 -12.41 -10.89
N GLN B 11 31.81 -12.65 -12.13
CA GLN B 11 31.63 -11.51 -12.99
C GLN B 11 30.36 -10.69 -12.75
N ARG B 12 29.30 -11.23 -12.20
CA ARG B 12 28.06 -10.49 -12.13
C ARG B 12 27.76 -9.72 -10.85
N ALA B 13 26.94 -8.69 -10.92
CA ALA B 13 26.62 -7.86 -9.74
C ALA B 13 25.58 -8.62 -8.96
N GLU B 14 25.17 -8.17 -7.80
CA GLU B 14 24.15 -8.87 -7.04
C GLU B 14 22.86 -8.05 -6.98
N GLY B 15 22.72 -6.80 -6.62
CA GLY B 15 21.34 -6.31 -6.46
C GLY B 15 20.76 -5.54 -7.63
N PRO B 16 19.62 -4.90 -7.46
CA PRO B 16 19.02 -4.05 -8.44
C PRO B 16 19.86 -2.86 -8.91
N ALA B 17 19.80 -2.67 -10.26
CA ALA B 17 20.41 -1.43 -10.81
C ALA B 17 19.80 -0.17 -10.22
N THR B 18 20.69 0.73 -9.77
CA THR B 18 20.16 1.90 -9.03
C THR B 18 20.56 3.16 -9.75
N ILE B 19 19.76 4.19 -9.79
CA ILE B 19 20.14 5.49 -10.24
C ILE B 19 20.88 6.15 -9.03
N LEU B 20 22.14 6.54 -9.17
CA LEU B 20 22.93 7.17 -8.14
C LEU B 20 23.21 8.68 -8.31
N ALA B 21 22.91 9.20 -9.46
CA ALA B 21 23.10 10.65 -9.67
C ALA B 21 22.33 11.11 -10.89
N ILE B 22 21.89 12.31 -11.10
CA ILE B 22 21.15 12.80 -12.26
C ILE B 22 21.58 14.28 -12.39
N GLY B 23 21.81 14.65 -13.66
CA GLY B 23 22.25 16.02 -13.91
C GLY B 23 21.69 16.46 -15.29
N THR B 24 21.28 17.68 -15.53
CA THR B 24 20.74 18.09 -16.79
C THR B 24 21.46 19.37 -17.28
N ALA B 25 21.27 19.60 -18.56
CA ALA B 25 21.72 20.84 -19.22
C ALA B 25 20.83 21.22 -20.39
N ASN B 26 20.72 22.45 -20.82
CA ASN B 26 19.94 22.97 -21.90
C ASN B 26 20.85 24.11 -22.44
N PRO B 27 20.60 24.45 -23.67
CA PRO B 27 21.27 25.54 -24.36
C PRO B 27 20.76 26.84 -23.71
N ALA B 28 21.64 27.82 -23.65
CA ALA B 28 21.38 29.11 -23.04
C ALA B 28 20.18 29.84 -23.59
N ASN B 29 19.89 29.64 -24.87
CA ASN B 29 18.81 30.41 -25.48
C ASN B 29 17.41 30.02 -25.05
N CYS B 30 16.80 30.84 -24.21
CA CYS B 30 15.45 30.68 -23.74
C CYS B 30 14.45 31.33 -24.71
N VAL B 31 13.52 30.47 -25.14
CA VAL B 31 12.45 30.90 -26.04
C VAL B 31 11.08 30.98 -25.37
N GLU B 32 10.53 32.18 -25.18
CA GLU B 32 9.26 32.34 -24.51
C GLU B 32 8.18 31.71 -25.36
N GLN B 33 7.27 30.96 -24.72
CA GLN B 33 6.17 30.39 -25.50
C GLN B 33 5.09 31.36 -25.92
N SER B 34 4.69 32.30 -25.08
CA SER B 34 3.72 33.31 -25.46
C SER B 34 4.21 34.00 -26.73
N THR B 35 5.40 34.48 -26.99
CA THR B 35 5.65 35.26 -28.20
C THR B 35 6.12 34.44 -29.38
N TYR B 36 6.21 33.10 -29.22
CA TYR B 36 6.76 32.18 -30.19
C TYR B 36 6.18 32.15 -31.59
N PRO B 37 4.85 32.12 -31.67
CA PRO B 37 4.15 32.27 -32.92
C PRO B 37 4.62 33.50 -33.66
N ASP B 38 4.74 34.71 -33.12
CA ASP B 38 5.22 35.88 -33.77
C ASP B 38 6.64 35.50 -34.27
N PHE B 39 7.51 35.04 -33.36
CA PHE B 39 8.91 34.88 -33.72
C PHE B 39 9.02 33.90 -34.88
N TYR B 40 8.27 32.82 -34.72
CA TYR B 40 8.30 31.71 -35.67
C TYR B 40 7.79 31.97 -37.07
N PHE B 41 6.67 32.65 -37.19
CA PHE B 41 6.19 33.22 -38.40
C PHE B 41 7.12 34.32 -38.93
N LYS B 42 7.72 35.17 -38.11
CA LYS B 42 8.57 36.17 -38.75
C LYS B 42 9.74 35.38 -39.33
N ILE B 43 10.46 34.61 -38.51
CA ILE B 43 11.76 34.07 -38.92
C ILE B 43 11.64 33.08 -40.08
N THR B 44 10.42 32.52 -40.18
CA THR B 44 10.25 31.61 -41.31
C THR B 44 9.60 32.33 -42.49
N ASN B 45 9.61 33.67 -42.44
CA ASN B 45 9.10 34.44 -43.54
C ASN B 45 7.73 34.01 -43.94
N SER B 46 6.89 33.81 -42.97
CA SER B 46 5.50 33.41 -43.10
C SER B 46 4.44 34.33 -42.50
N GLU B 47 4.79 35.54 -42.09
CA GLU B 47 3.83 36.51 -41.56
C GLU B 47 2.55 36.55 -42.39
N HIS B 48 2.66 36.55 -43.71
CA HIS B 48 1.59 36.57 -44.67
C HIS B 48 0.68 35.37 -44.56
N LYS B 49 1.10 34.19 -44.07
CA LYS B 49 0.18 33.07 -43.95
C LYS B 49 -0.62 33.22 -42.66
N THR B 50 -1.40 34.30 -42.61
CA THR B 50 -2.20 34.80 -41.47
C THR B 50 -3.00 33.73 -40.79
N GLU B 51 -3.73 32.90 -41.51
CA GLU B 51 -4.60 31.87 -40.97
C GLU B 51 -3.93 30.67 -40.29
N LEU B 52 -2.72 30.48 -40.71
CA LEU B 52 -1.86 29.41 -40.18
C LEU B 52 -1.27 29.96 -38.89
N LYS B 53 -1.03 31.26 -38.75
CA LYS B 53 -0.46 31.78 -37.50
C LYS B 53 -1.54 31.59 -36.44
N GLU B 54 -2.82 31.76 -36.70
CA GLU B 54 -3.90 31.68 -35.73
C GLU B 54 -3.92 30.28 -35.13
N LYS B 55 -3.83 29.29 -36.00
CA LYS B 55 -3.76 27.89 -35.58
C LYS B 55 -2.56 27.54 -34.70
N PHE B 56 -1.36 27.96 -35.06
CA PHE B 56 -0.19 27.81 -34.22
C PHE B 56 -0.44 28.62 -32.92
N GLN B 57 -0.98 29.86 -32.93
CA GLN B 57 -1.24 30.55 -31.70
C GLN B 57 -1.96 29.63 -30.69
N ARG B 58 -3.08 29.09 -31.17
CA ARG B 58 -3.89 28.19 -30.38
C ARG B 58 -3.16 26.97 -29.84
N MET B 59 -2.41 26.32 -30.74
CA MET B 59 -1.54 25.20 -30.37
C MET B 59 -0.50 25.60 -29.33
N CYS B 60 0.19 26.73 -29.49
CA CYS B 60 1.09 27.16 -28.42
C CYS B 60 0.28 27.50 -27.17
N ASP B 61 -0.91 28.09 -27.29
CA ASP B 61 -1.62 28.59 -26.10
C ASP B 61 -2.05 27.41 -25.26
N LYS B 62 -2.38 26.33 -25.96
CA LYS B 62 -2.82 25.08 -25.37
C LYS B 62 -1.69 24.12 -25.00
N SER B 63 -0.48 24.33 -25.48
CA SER B 63 0.66 23.45 -25.25
C SER B 63 0.93 23.22 -23.77
N MET B 64 0.82 24.19 -22.87
CA MET B 64 1.07 24.08 -21.47
C MET B 64 2.56 24.08 -21.29
N ILE B 65 3.31 24.69 -22.18
CA ILE B 65 4.70 24.99 -22.08
C ILE B 65 4.76 26.52 -21.87
N LYS B 66 5.58 27.00 -20.97
CA LYS B 66 5.83 28.40 -20.74
C LYS B 66 7.04 28.81 -21.57
N ARG B 67 8.06 27.94 -21.53
CA ARG B 67 9.26 28.22 -22.31
C ARG B 67 9.98 26.97 -22.79
N ARG B 68 10.87 27.11 -23.78
CA ARG B 68 11.75 26.11 -24.31
C ARG B 68 13.19 26.61 -24.51
N TYR B 69 14.11 25.64 -24.41
CA TYR B 69 15.52 26.07 -24.58
C TYR B 69 15.94 25.71 -25.98
N MET B 70 16.60 26.54 -26.80
CA MET B 70 16.91 26.12 -28.15
C MET B 70 18.25 26.67 -28.65
N TYR B 71 18.94 25.66 -29.23
CA TYR B 71 20.22 25.98 -29.83
C TYR B 71 20.11 26.93 -31.03
N LEU B 72 19.01 26.77 -31.73
CA LEU B 72 18.71 27.67 -32.84
C LEU B 72 18.29 29.06 -32.40
N THR B 73 19.01 30.09 -32.78
CA THR B 73 18.75 31.47 -32.45
C THR B 73 18.31 32.17 -33.74
N GLU B 74 17.83 33.40 -33.65
CA GLU B 74 17.55 34.15 -34.86
C GLU B 74 18.89 34.32 -35.55
N GLU B 75 20.06 34.57 -35.05
CA GLU B 75 21.30 34.86 -35.75
C GLU B 75 21.57 33.60 -36.60
N ILE B 76 21.34 32.46 -35.97
CA ILE B 76 21.58 31.16 -36.61
C ILE B 76 20.62 30.91 -37.74
N LEU B 77 19.34 31.03 -37.54
CA LEU B 77 18.32 30.92 -38.58
C LEU B 77 18.51 31.96 -39.70
N LYS B 78 19.01 33.17 -39.50
CA LYS B 78 19.28 34.21 -40.46
C LYS B 78 20.28 33.62 -41.47
N GLU B 79 21.27 32.92 -40.96
CA GLU B 79 22.38 32.34 -41.73
C GLU B 79 21.91 31.11 -42.46
N ASN B 80 20.70 30.60 -42.17
CA ASN B 80 20.20 29.39 -42.78
C ASN B 80 18.80 29.36 -43.34
N PRO B 81 18.48 30.02 -44.45
CA PRO B 81 17.15 30.13 -44.99
C PRO B 81 16.54 28.81 -45.37
N ASN B 82 17.38 27.86 -45.85
CA ASN B 82 16.91 26.53 -46.23
C ASN B 82 16.29 25.78 -45.02
N VAL B 83 16.74 25.96 -43.82
CA VAL B 83 16.18 25.39 -42.59
C VAL B 83 14.90 26.16 -42.26
N CYS B 84 14.68 27.45 -42.62
CA CYS B 84 13.45 28.10 -42.19
C CYS B 84 12.33 27.69 -43.12
N GLU B 85 12.76 27.11 -44.27
CA GLU B 85 11.69 26.76 -45.21
C GLU B 85 11.05 25.48 -44.75
N TYR B 86 9.85 25.18 -45.25
CA TYR B 86 9.18 23.98 -44.83
C TYR B 86 9.85 22.70 -45.27
N MET B 87 10.27 22.73 -46.55
CA MET B 87 10.99 21.56 -47.08
C MET B 87 12.12 21.85 -48.06
N ALA B 88 13.30 22.21 -47.59
CA ALA B 88 14.40 22.56 -48.50
C ALA B 88 15.54 21.64 -48.07
N PRO B 89 16.46 21.39 -49.01
CA PRO B 89 17.65 20.64 -48.70
C PRO B 89 18.50 21.39 -47.65
N SER B 90 18.74 20.68 -46.53
CA SER B 90 19.36 21.37 -45.39
C SER B 90 20.04 20.48 -44.41
N LEU B 91 20.09 19.20 -44.82
CA LEU B 91 20.61 18.19 -43.89
C LEU B 91 22.07 18.31 -43.53
N ASP B 92 22.93 18.72 -44.46
CA ASP B 92 24.30 19.05 -44.19
C ASP B 92 24.37 20.28 -43.22
N ALA B 93 23.63 21.34 -43.41
CA ALA B 93 23.80 22.41 -42.39
C ALA B 93 23.35 21.95 -40.99
N ARG B 94 22.27 21.16 -40.96
CA ARG B 94 21.70 20.71 -39.64
C ARG B 94 22.53 19.70 -38.89
N GLN B 95 23.17 18.79 -39.71
CA GLN B 95 24.18 17.94 -39.16
C GLN B 95 25.42 18.65 -38.63
N ASP B 96 25.96 19.64 -39.33
CA ASP B 96 27.06 20.39 -38.72
C ASP B 96 26.60 20.91 -37.33
N MET B 97 25.36 21.38 -37.19
CA MET B 97 24.93 21.95 -35.92
C MET B 97 24.95 20.87 -34.86
N VAL B 98 24.14 19.81 -35.14
CA VAL B 98 23.85 18.79 -34.15
C VAL B 98 24.90 17.75 -33.87
N VAL B 99 25.81 17.44 -34.83
CA VAL B 99 26.94 16.62 -34.41
C VAL B 99 27.87 17.31 -33.38
N VAL B 100 27.94 18.63 -33.29
CA VAL B 100 28.71 19.26 -32.24
C VAL B 100 27.74 19.46 -31.06
N GLU B 101 26.53 19.92 -31.27
CA GLU B 101 25.72 20.40 -30.10
C GLU B 101 25.40 19.27 -29.17
N VAL B 102 25.09 18.13 -29.86
CA VAL B 102 24.61 16.98 -29.08
C VAL B 102 25.56 16.50 -28.03
N PRO B 103 26.80 16.18 -28.35
CA PRO B 103 27.80 15.90 -27.35
C PRO B 103 28.23 17.09 -26.49
N ARG B 104 28.20 18.34 -26.93
CA ARG B 104 28.56 19.45 -26.04
C ARG B 104 27.56 19.51 -24.89
N LEU B 105 26.27 19.40 -25.24
CA LEU B 105 25.20 19.57 -24.27
C LEU B 105 25.19 18.39 -23.32
N GLY B 106 25.51 17.21 -23.98
CA GLY B 106 25.62 16.00 -23.24
C GLY B 106 26.73 16.13 -22.16
N LYS B 107 27.87 16.73 -22.51
CA LYS B 107 29.00 16.87 -21.58
C LYS B 107 28.57 17.71 -20.37
N GLU B 108 27.86 18.77 -20.65
CA GLU B 108 27.43 19.63 -19.55
C GLU B 108 26.68 18.77 -18.52
N ALA B 109 25.66 18.04 -19.08
CA ALA B 109 24.81 17.24 -18.19
C ALA B 109 25.63 16.20 -17.41
N ALA B 110 26.49 15.53 -18.18
CA ALA B 110 27.33 14.52 -17.53
C ALA B 110 28.33 15.03 -16.49
N VAL B 111 28.93 16.22 -16.65
CA VAL B 111 29.82 16.69 -15.58
C VAL B 111 28.97 16.84 -14.31
N LYS B 112 27.73 17.31 -14.45
CA LYS B 112 26.88 17.62 -13.33
C LYS B 112 26.66 16.32 -12.55
N ALA B 113 26.22 15.35 -13.37
CA ALA B 113 25.90 14.03 -12.82
C ALA B 113 27.09 13.38 -12.17
N ILE B 114 28.30 13.45 -12.79
CA ILE B 114 29.52 12.97 -12.20
C ILE B 114 29.90 13.77 -10.92
N LYS B 115 29.79 15.07 -10.85
CA LYS B 115 30.10 15.76 -9.60
C LYS B 115 29.19 15.22 -8.49
N GLU B 116 27.91 15.03 -8.78
CA GLU B 116 26.92 14.60 -7.79
C GLU B 116 27.33 13.27 -7.20
N TRP B 117 27.74 12.38 -8.17
CA TRP B 117 28.12 11.05 -7.77
C TRP B 117 29.34 11.02 -6.86
N GLY B 118 30.35 11.81 -7.16
CA GLY B 118 31.46 12.00 -6.25
C GLY B 118 32.64 11.16 -6.59
N GLN B 119 32.42 10.10 -7.43
CA GLN B 119 33.42 9.05 -7.60
C GLN B 119 34.26 9.32 -8.87
N PRO B 120 35.47 8.82 -8.92
CA PRO B 120 36.40 9.15 -9.99
C PRO B 120 35.77 8.80 -11.33
N LYS B 121 35.89 9.59 -12.38
CA LYS B 121 35.25 9.34 -13.65
C LYS B 121 35.87 8.09 -14.24
N SER B 122 37.07 7.70 -13.85
CA SER B 122 37.80 6.56 -14.31
C SER B 122 37.08 5.28 -13.87
N LYS B 123 36.13 5.31 -12.95
CA LYS B 123 35.38 4.16 -12.51
C LYS B 123 34.16 3.99 -13.42
N ILE B 124 33.97 4.81 -14.41
CA ILE B 124 32.78 4.74 -15.29
C ILE B 124 33.14 3.57 -16.21
N THR B 125 32.42 2.44 -16.15
CA THR B 125 32.81 1.32 -17.00
C THR B 125 32.06 1.21 -18.34
N HIS B 126 30.86 1.74 -18.49
CA HIS B 126 29.98 1.73 -19.61
C HIS B 126 29.32 3.11 -19.85
N LEU B 127 29.07 3.31 -21.17
CA LEU B 127 28.50 4.63 -21.52
C LEU B 127 27.34 4.35 -22.46
N ILE B 128 26.16 4.80 -22.22
CA ILE B 128 25.09 4.87 -23.20
C ILE B 128 24.87 6.36 -23.56
N VAL B 129 24.86 6.48 -24.92
CA VAL B 129 24.54 7.87 -25.39
C VAL B 129 23.31 7.78 -26.28
N CYS B 130 22.24 8.56 -26.10
CA CYS B 130 21.04 8.47 -26.91
C CYS B 130 20.61 9.82 -27.46
N THR B 131 20.36 9.82 -28.77
CA THR B 131 19.88 11.12 -29.34
C THR B 131 18.97 10.88 -30.52
N THR B 132 18.07 11.73 -30.91
CA THR B 132 17.28 11.63 -32.12
C THR B 132 17.76 12.66 -33.15
N SER B 133 18.78 13.44 -32.89
CA SER B 133 19.22 14.60 -33.66
C SER B 133 20.63 14.31 -34.13
N GLY B 134 20.65 13.82 -35.36
CA GLY B 134 21.83 13.65 -36.12
C GLY B 134 22.50 12.32 -35.87
N VAL B 135 23.36 11.92 -36.79
CA VAL B 135 24.17 10.72 -36.72
C VAL B 135 25.54 10.97 -37.34
N ASP B 136 26.57 10.25 -36.95
CA ASP B 136 27.91 10.53 -37.44
C ASP B 136 28.76 9.29 -37.08
N MET B 137 29.94 9.12 -37.68
CA MET B 137 30.88 8.08 -37.30
C MET B 137 32.26 8.64 -37.00
N PRO B 138 33.02 8.16 -36.08
CA PRO B 138 32.53 7.81 -34.73
C PRO B 138 31.33 8.62 -34.26
N GLY B 139 30.47 8.00 -33.43
CA GLY B 139 29.28 8.60 -32.84
C GLY B 139 29.46 9.57 -31.68
N ALA B 140 28.39 10.13 -31.16
CA ALA B 140 28.43 11.05 -30.02
C ALA B 140 28.98 10.43 -28.76
N ASP B 141 28.99 9.07 -28.70
CA ASP B 141 29.56 8.34 -27.60
C ASP B 141 31.10 8.35 -27.50
N TYR B 142 31.70 8.26 -28.69
CA TYR B 142 33.10 8.56 -28.93
C TYR B 142 33.38 10.08 -28.66
N GLN B 143 32.69 11.01 -29.21
CA GLN B 143 32.93 12.42 -28.80
C GLN B 143 32.90 12.68 -27.29
N LEU B 144 31.92 12.07 -26.60
CA LEU B 144 31.71 12.27 -25.20
C LEU B 144 32.77 11.63 -24.37
N THR B 145 33.22 10.45 -24.94
CA THR B 145 34.41 9.86 -24.29
C THR B 145 35.62 10.78 -24.26
N LYS B 146 35.92 11.37 -25.40
CA LYS B 146 37.04 12.34 -25.52
C LYS B 146 36.74 13.58 -24.67
N LEU B 147 35.54 14.15 -24.85
CA LEU B 147 35.27 15.38 -24.11
C LEU B 147 35.39 15.24 -22.60
N LEU B 148 34.91 14.09 -22.07
CA LEU B 148 34.91 13.95 -20.59
C LEU B 148 36.19 13.40 -20.03
N GLY B 149 36.94 12.75 -20.90
CA GLY B 149 38.19 12.09 -20.58
C GLY B 149 37.93 10.75 -19.86
N LEU B 150 36.89 10.07 -20.33
CA LEU B 150 36.57 8.75 -19.82
C LEU B 150 37.65 7.77 -20.23
N ARG B 151 37.85 6.63 -19.58
CA ARG B 151 38.87 5.69 -20.02
C ARG B 151 38.53 5.27 -21.45
N PRO B 152 39.55 4.98 -22.26
CA PRO B 152 39.36 4.67 -23.69
C PRO B 152 38.71 3.31 -23.86
N TYR B 153 38.75 2.48 -22.87
CA TYR B 153 38.11 1.14 -22.79
C TYR B 153 36.70 1.22 -22.20
N VAL B 154 36.10 2.40 -22.02
CA VAL B 154 34.72 2.42 -21.53
C VAL B 154 33.92 1.67 -22.59
N LYS B 155 33.02 0.79 -22.27
CA LYS B 155 32.13 0.13 -23.17
C LYS B 155 30.87 0.96 -23.50
N ARG B 156 30.81 1.25 -24.80
CA ARG B 156 29.86 2.22 -25.35
C ARG B 156 28.66 1.71 -26.14
N TYR B 157 27.46 2.26 -25.99
CA TYR B 157 26.21 1.86 -26.57
C TYR B 157 25.64 3.13 -27.17
N MET B 158 25.78 3.19 -28.49
CA MET B 158 25.38 4.46 -29.16
C MET B 158 23.99 4.24 -29.66
N MET B 159 22.97 4.94 -29.25
CA MET B 159 21.57 4.71 -29.64
C MET B 159 21.15 6.00 -30.36
N TYR B 160 21.14 5.81 -31.67
CA TYR B 160 20.91 6.88 -32.63
C TYR B 160 19.54 6.80 -33.26
N GLN B 161 18.89 7.87 -33.65
CA GLN B 161 17.56 7.90 -34.20
C GLN B 161 16.52 7.10 -33.46
N GLN B 162 16.56 7.11 -32.14
CA GLN B 162 15.58 6.41 -31.31
C GLN B 162 14.21 7.03 -31.28
N GLY B 163 14.00 8.32 -30.95
CA GLY B 163 12.61 8.78 -30.77
C GLY B 163 12.32 8.98 -29.29
N SER B 164 11.08 9.42 -29.01
CA SER B 164 10.72 10.00 -27.72
C SER B 164 10.51 9.00 -26.62
N PHE B 165 10.53 7.69 -27.03
CA PHE B 165 10.31 6.67 -26.00
C PHE B 165 11.58 6.16 -25.35
N ALA B 166 12.70 6.57 -25.93
CA ALA B 166 14.03 6.17 -25.56
C ALA B 166 14.61 6.74 -24.26
N GLY B 167 13.92 7.49 -23.43
CA GLY B 167 14.47 7.75 -22.05
C GLY B 167 14.18 6.36 -21.39
N GLY B 168 13.05 5.77 -21.78
CA GLY B 168 12.62 4.48 -21.20
C GLY B 168 13.59 3.39 -21.61
N THR B 169 13.98 3.32 -22.88
CA THR B 169 14.93 2.42 -23.50
C THR B 169 16.36 2.50 -22.95
N VAL B 170 16.94 3.66 -22.65
CA VAL B 170 18.24 3.71 -22.00
C VAL B 170 18.11 3.14 -20.59
N LEU B 171 17.03 3.27 -19.88
CA LEU B 171 17.01 2.78 -18.49
C LEU B 171 17.07 1.26 -18.54
N ARG B 172 16.22 0.75 -19.41
CA ARG B 172 16.01 -0.65 -19.72
C ARG B 172 17.33 -1.24 -20.08
N LEU B 173 18.14 -0.68 -20.96
CA LEU B 173 19.50 -1.07 -21.24
C LEU B 173 20.39 -0.86 -20.00
N ALA B 174 20.71 0.28 -19.44
CA ALA B 174 21.54 0.37 -18.23
C ALA B 174 21.13 -0.67 -17.23
N LYS B 175 19.82 -0.97 -16.98
CA LYS B 175 19.51 -1.94 -15.94
C LYS B 175 20.36 -3.20 -16.07
N ASP B 176 20.25 -3.78 -17.30
CA ASP B 176 20.96 -5.01 -17.55
C ASP B 176 22.49 -4.88 -17.56
N LEU B 177 23.06 -3.87 -18.12
CA LEU B 177 24.49 -3.60 -17.97
C LEU B 177 24.89 -3.55 -16.51
N ALA B 178 24.26 -2.85 -15.60
CA ALA B 178 24.70 -2.65 -14.24
C ALA B 178 24.64 -3.94 -13.45
N GLU B 179 23.53 -4.66 -13.67
CA GLU B 179 23.13 -5.82 -12.96
C GLU B 179 23.88 -7.09 -13.25
N ASN B 180 24.35 -7.17 -14.51
CA ASN B 180 25.10 -8.31 -14.95
C ASN B 180 26.61 -8.18 -14.77
N ASN B 181 27.13 -7.04 -14.34
CA ASN B 181 28.56 -6.85 -14.29
C ASN B 181 28.85 -6.17 -12.91
N LYS B 182 29.61 -6.96 -12.16
CA LYS B 182 30.02 -6.55 -10.79
C LYS B 182 30.85 -5.27 -10.84
N GLY B 183 30.60 -4.23 -10.10
CA GLY B 183 31.39 -3.04 -10.24
C GLY B 183 31.05 -2.10 -11.39
N ALA B 184 30.15 -2.50 -12.34
CA ALA B 184 29.86 -1.60 -13.44
C ALA B 184 29.15 -0.34 -12.98
N ARG B 185 29.60 0.79 -13.54
CA ARG B 185 28.95 2.07 -13.23
C ARG B 185 28.62 2.53 -14.64
N VAL B 186 27.39 2.71 -15.02
CA VAL B 186 27.04 3.25 -16.34
C VAL B 186 26.72 4.76 -16.39
N LEU B 187 27.37 5.48 -17.29
CA LEU B 187 27.08 6.89 -17.46
C LEU B 187 26.01 6.90 -18.57
N VAL B 188 24.79 7.31 -18.31
CA VAL B 188 23.72 7.42 -19.27
C VAL B 188 23.50 8.87 -19.71
N VAL B 189 23.48 9.10 -21.06
CA VAL B 189 23.32 10.47 -21.53
C VAL B 189 22.26 10.60 -22.61
N CYS B 190 21.09 11.17 -22.44
CA CYS B 190 20.18 11.53 -23.49
C CYS B 190 20.35 13.04 -23.83
N SER B 191 20.59 13.29 -25.11
CA SER B 191 20.79 14.70 -25.47
C SER B 191 20.04 14.97 -26.76
N GLU B 192 19.09 15.86 -26.77
CA GLU B 192 18.29 16.09 -27.92
C GLU B 192 18.28 17.60 -28.27
N VAL B 193 18.53 17.77 -29.59
CA VAL B 193 18.60 19.12 -30.17
C VAL B 193 17.59 19.23 -31.26
N THR B 194 16.65 20.14 -31.39
CA THR B 194 15.62 20.04 -32.43
C THR B 194 16.13 20.76 -33.66
N ALA B 195 17.42 21.06 -33.83
CA ALA B 195 17.92 21.79 -35.00
C ALA B 195 17.69 20.95 -36.26
N VAL B 196 17.65 19.63 -36.05
CA VAL B 196 17.35 18.70 -37.18
C VAL B 196 15.88 18.71 -37.56
N THR B 197 14.93 19.04 -36.73
CA THR B 197 13.51 19.08 -37.04
C THR B 197 12.85 20.44 -37.27
N PHE B 198 13.35 21.56 -36.89
CA PHE B 198 12.84 22.89 -37.07
C PHE B 198 12.61 23.00 -38.61
N ARG B 199 11.41 23.34 -38.98
CA ARG B 199 11.18 23.77 -40.34
C ARG B 199 9.95 24.71 -40.40
N GLY B 200 9.83 25.41 -41.56
CA GLY B 200 8.82 26.44 -41.72
C GLY B 200 7.40 25.89 -41.68
N PRO B 201 6.38 26.75 -41.64
CA PRO B 201 5.03 26.30 -41.45
C PRO B 201 4.48 25.90 -42.78
N SER B 202 3.60 24.94 -42.81
CA SER B 202 2.95 24.57 -44.07
C SER B 202 1.50 24.19 -43.74
N ASP B 203 0.56 24.86 -44.42
CA ASP B 203 -0.85 24.64 -44.10
C ASP B 203 -1.27 23.24 -44.42
N THR B 204 -0.69 22.45 -45.30
CA THR B 204 -1.06 21.08 -45.58
C THR B 204 -0.36 20.02 -44.74
N HIS B 205 0.44 20.29 -43.73
CA HIS B 205 1.11 19.36 -42.83
C HIS B 205 1.04 19.94 -41.42
N LEU B 206 -0.18 19.93 -40.91
CA LEU B 206 -0.41 20.54 -39.60
C LEU B 206 0.28 19.77 -38.49
N ASP B 207 0.46 18.47 -38.79
CA ASP B 207 1.19 17.57 -37.86
C ASP B 207 2.63 18.00 -37.66
N SER B 208 3.34 18.42 -38.69
CA SER B 208 4.63 19.08 -38.52
C SER B 208 4.50 20.35 -37.70
N LEU B 209 3.47 21.16 -37.90
CA LEU B 209 3.22 22.38 -37.14
C LEU B 209 3.14 22.08 -35.64
N VAL B 210 2.41 21.07 -35.24
CA VAL B 210 2.27 20.67 -33.83
C VAL B 210 3.61 20.39 -33.16
N GLY B 211 4.42 19.55 -33.88
CA GLY B 211 5.83 19.46 -33.49
C GLY B 211 6.55 20.75 -33.13
N GLN B 212 6.50 21.79 -33.95
CA GLN B 212 7.07 23.10 -33.81
C GLN B 212 6.55 23.85 -32.59
N ALA B 213 5.34 23.51 -32.14
CA ALA B 213 4.84 24.15 -30.88
C ALA B 213 5.39 23.54 -29.60
N LEU B 214 5.80 22.25 -29.76
CA LEU B 214 6.18 21.46 -28.59
C LEU B 214 7.58 21.08 -28.27
N PHE B 215 8.42 20.79 -29.26
CA PHE B 215 9.75 20.31 -28.96
C PHE B 215 10.81 21.32 -28.57
N GLY B 216 11.68 20.85 -27.65
CA GLY B 216 12.70 21.72 -27.09
C GLY B 216 13.97 20.93 -26.85
N ASP B 217 15.09 21.62 -26.64
CA ASP B 217 16.36 20.93 -26.45
C ASP B 217 16.69 20.70 -24.99
N GLY B 218 17.48 19.63 -24.84
CA GLY B 218 17.89 19.39 -23.41
C GLY B 218 18.64 18.08 -23.37
N ALA B 219 19.59 17.94 -22.46
CA ALA B 219 20.21 16.68 -22.18
C ALA B 219 20.10 16.40 -20.68
N ALA B 220 20.03 15.09 -20.47
CA ALA B 220 20.00 14.54 -19.10
C ALA B 220 20.99 13.44 -18.93
N ALA B 221 21.69 13.27 -17.81
CA ALA B 221 22.71 12.27 -17.59
C ALA B 221 22.45 11.66 -16.23
N LEU B 222 22.65 10.36 -16.21
CA LEU B 222 22.57 9.50 -15.05
C LEU B 222 23.80 8.64 -14.81
N ILE B 223 24.03 8.31 -13.55
CA ILE B 223 24.98 7.31 -13.12
C ILE B 223 24.07 6.19 -12.58
N VAL B 224 24.32 5.04 -13.15
CA VAL B 224 23.56 3.84 -12.86
C VAL B 224 24.48 2.75 -12.39
N GLY B 225 24.12 2.04 -11.33
CA GLY B 225 24.94 0.95 -10.91
C GLY B 225 24.30 0.02 -9.90
N SER B 226 24.78 -1.26 -9.89
CA SER B 226 24.24 -2.13 -8.83
C SER B 226 25.17 -2.14 -7.61
N ASP B 227 24.76 -2.64 -6.50
CA ASP B 227 25.45 -2.73 -5.21
C ASP B 227 26.20 -1.44 -4.85
N PRO B 228 25.46 -0.38 -4.65
CA PRO B 228 26.09 0.90 -4.27
C PRO B 228 26.95 0.74 -3.02
N VAL B 229 27.97 1.54 -2.81
CA VAL B 229 28.76 1.54 -1.55
C VAL B 229 27.98 2.44 -0.58
N PRO B 230 27.52 1.87 0.49
CA PRO B 230 26.70 2.57 1.47
C PRO B 230 27.43 3.76 2.06
N GLU B 231 26.70 4.90 2.15
CA GLU B 231 27.33 6.04 2.85
C GLU B 231 28.46 6.64 2.03
N ILE B 232 28.69 6.20 0.79
CA ILE B 232 29.71 6.73 -0.12
C ILE B 232 29.03 7.15 -1.43
N GLU B 233 28.30 6.18 -2.00
CA GLU B 233 27.32 6.42 -3.07
C GLU B 233 25.89 6.59 -2.56
N LYS B 234 25.02 7.29 -3.23
CA LYS B 234 23.70 7.57 -2.67
C LYS B 234 22.61 7.25 -3.67
N PRO B 235 21.96 6.09 -3.48
CA PRO B 235 20.82 5.66 -4.28
C PRO B 235 19.69 6.66 -4.34
N ILE B 236 19.14 6.81 -5.57
CA ILE B 236 18.04 7.79 -5.74
C ILE B 236 16.73 7.05 -6.04
N PHE B 237 16.91 6.03 -6.96
CA PHE B 237 15.77 5.25 -7.41
C PHE B 237 16.24 3.83 -7.78
N GLU B 238 15.50 2.77 -7.57
CA GLU B 238 15.94 1.45 -7.99
C GLU B 238 15.02 0.93 -9.13
N MET B 239 15.71 0.33 -10.11
CA MET B 239 14.95 -0.22 -11.23
C MET B 239 14.59 -1.67 -10.96
N VAL B 240 13.39 -2.14 -11.24
CA VAL B 240 13.00 -3.45 -10.77
C VAL B 240 12.55 -4.31 -11.98
N TRP B 241 11.86 -3.71 -12.95
CA TRP B 241 11.30 -4.49 -14.06
C TRP B 241 11.06 -3.52 -15.21
N THR B 242 11.22 -4.08 -16.44
CA THR B 242 11.01 -3.20 -17.59
C THR B 242 10.29 -3.92 -18.71
N ALA B 243 9.74 -3.20 -19.68
CA ALA B 243 9.07 -3.71 -20.82
C ALA B 243 9.06 -2.67 -21.96
N GLN B 244 8.92 -3.30 -23.16
CA GLN B 244 8.75 -2.52 -24.34
C GLN B 244 7.62 -3.16 -25.16
N THR B 245 6.66 -2.37 -25.63
CA THR B 245 5.61 -2.92 -26.47
C THR B 245 5.20 -1.93 -27.57
N ILE B 246 4.53 -2.52 -28.58
CA ILE B 246 3.95 -1.77 -29.71
C ILE B 246 2.43 -1.79 -29.67
N ALA B 247 1.81 -0.63 -29.58
CA ALA B 247 0.37 -0.62 -29.39
C ALA B 247 -0.24 -1.26 -30.65
N PRO B 248 -1.34 -1.96 -30.48
CA PRO B 248 -2.17 -2.36 -31.59
C PRO B 248 -2.80 -1.14 -32.27
N ASP B 249 -3.18 -1.30 -33.56
CA ASP B 249 -3.78 -0.28 -34.39
C ASP B 249 -3.05 1.03 -34.44
N SER B 250 -1.69 1.05 -34.42
CA SER B 250 -1.01 2.34 -34.32
C SER B 250 0.04 2.51 -35.39
N GLU B 251 -0.13 1.69 -36.43
CA GLU B 251 0.81 1.90 -37.55
C GLU B 251 0.72 3.28 -38.19
N GLY B 252 1.86 3.98 -38.25
CA GLY B 252 1.91 5.35 -38.75
C GLY B 252 1.52 6.37 -37.68
N ALA B 253 1.33 6.04 -36.42
CA ALA B 253 0.94 7.11 -35.47
C ALA B 253 2.03 8.15 -35.42
N ILE B 254 3.29 7.69 -35.32
CA ILE B 254 4.39 8.60 -35.20
C ILE B 254 5.48 8.21 -36.16
N ASP B 255 5.77 8.86 -37.28
CA ASP B 255 6.95 8.51 -38.03
C ASP B 255 7.86 9.73 -38.28
N GLY B 256 9.11 9.31 -38.50
CA GLY B 256 10.10 10.36 -38.66
C GLY B 256 11.08 9.90 -39.70
N HIS B 257 11.35 10.70 -40.73
CA HIS B 257 12.34 10.28 -41.72
C HIS B 257 13.49 11.28 -41.87
N LEU B 258 14.71 10.74 -41.82
CA LEU B 258 15.85 11.63 -41.96
C LEU B 258 16.05 11.80 -43.46
N ARG B 259 15.97 12.86 -44.13
CA ARG B 259 16.10 13.05 -45.55
C ARG B 259 17.05 14.28 -45.74
N GLU B 260 17.16 14.59 -47.02
CA GLU B 260 17.92 15.79 -47.39
C GLU B 260 17.42 17.10 -46.80
N ALA B 261 16.16 17.21 -46.46
CA ALA B 261 15.56 18.41 -45.87
C ALA B 261 15.49 18.30 -44.33
N GLY B 262 16.17 17.26 -43.84
CA GLY B 262 16.34 17.07 -42.40
C GLY B 262 15.36 16.05 -41.87
N LEU B 263 15.00 16.06 -40.60
CA LEU B 263 14.10 15.07 -40.01
C LEU B 263 12.68 15.62 -40.03
N THR B 264 11.88 14.90 -40.83
CA THR B 264 10.49 15.36 -40.98
C THR B 264 9.66 14.39 -40.15
N PHE B 265 8.84 14.90 -39.29
CA PHE B 265 7.98 14.15 -38.38
C PHE B 265 6.58 14.15 -39.01
N HIS B 266 5.87 13.01 -38.92
CA HIS B 266 4.52 12.86 -39.47
C HIS B 266 3.55 12.17 -38.55
N LEU B 267 2.52 12.81 -38.00
CA LEU B 267 1.58 12.23 -37.07
C LEU B 267 0.35 11.74 -37.82
N LEU B 268 0.25 10.41 -37.93
CA LEU B 268 -0.82 9.88 -38.76
C LEU B 268 -1.96 9.17 -38.06
N LYS B 269 -2.19 9.47 -36.79
CA LYS B 269 -3.33 8.94 -36.07
C LYS B 269 -3.66 9.75 -34.80
N ASP B 270 -4.31 9.04 -33.86
CA ASP B 270 -4.60 9.75 -32.63
C ASP B 270 -3.65 9.31 -31.52
N VAL B 271 -2.45 9.79 -31.38
CA VAL B 271 -1.53 9.49 -30.30
C VAL B 271 -2.17 9.65 -28.92
N PRO B 272 -2.78 10.76 -28.51
CA PRO B 272 -3.34 10.80 -27.14
C PRO B 272 -4.21 9.60 -26.94
N GLY B 273 -5.08 9.27 -27.90
CA GLY B 273 -6.06 8.20 -27.69
C GLY B 273 -5.47 6.80 -27.68
N ILE B 274 -4.39 6.60 -28.42
CA ILE B 274 -3.68 5.34 -28.51
C ILE B 274 -2.87 5.06 -27.22
N VAL B 275 -2.23 6.08 -26.70
CA VAL B 275 -1.60 5.86 -25.40
C VAL B 275 -2.67 5.56 -24.34
N SER B 276 -3.68 6.40 -24.26
CA SER B 276 -4.64 6.27 -23.14
C SER B 276 -5.36 4.94 -23.20
N LYS B 277 -5.66 4.51 -24.43
CA LYS B 277 -6.30 3.24 -24.64
C LYS B 277 -5.40 2.06 -24.28
N ASN B 278 -4.07 2.20 -24.42
CA ASN B 278 -3.21 1.09 -24.06
C ASN B 278 -2.44 1.21 -22.74
N ILE B 279 -2.53 2.31 -22.03
CA ILE B 279 -1.78 2.36 -20.78
C ILE B 279 -2.27 1.41 -19.72
N THR B 280 -3.54 1.01 -19.64
CA THR B 280 -4.00 0.16 -18.58
C THR B 280 -3.29 -1.18 -18.65
N LYS B 281 -3.26 -1.64 -19.94
CA LYS B 281 -2.63 -2.90 -20.21
C LYS B 281 -1.15 -2.97 -19.77
N ALA B 282 -0.40 -1.93 -20.01
CA ALA B 282 0.96 -1.75 -19.54
C ALA B 282 1.02 -1.80 -18.01
N LEU B 283 0.17 -1.07 -17.30
CA LEU B 283 0.10 -1.02 -15.87
C LEU B 283 -0.12 -2.41 -15.30
N VAL B 284 -1.05 -3.17 -15.86
CA VAL B 284 -1.35 -4.46 -15.24
C VAL B 284 -0.23 -5.45 -15.52
N GLU B 285 0.46 -5.32 -16.68
CA GLU B 285 1.63 -6.16 -16.88
C GLU B 285 2.77 -5.82 -15.93
N ALA B 286 2.93 -4.57 -15.57
CA ALA B 286 3.94 -4.18 -14.62
C ALA B 286 3.55 -4.50 -13.19
N PHE B 287 2.33 -4.23 -12.72
CA PHE B 287 2.05 -4.13 -11.28
C PHE B 287 1.25 -5.29 -10.75
N GLU B 288 0.56 -6.00 -11.68
CA GLU B 288 -0.21 -7.16 -11.28
C GLU B 288 0.65 -8.15 -10.55
N PRO B 289 1.87 -8.44 -11.02
CA PRO B 289 2.82 -9.26 -10.29
C PRO B 289 3.29 -8.65 -8.97
N LEU B 290 3.10 -7.40 -8.64
CA LEU B 290 3.55 -6.78 -7.38
C LEU B 290 2.36 -6.68 -6.44
N GLY B 291 1.22 -7.18 -6.94
CA GLY B 291 -0.04 -7.10 -6.22
C GLY B 291 -0.61 -5.68 -6.20
N ILE B 292 -0.15 -4.78 -7.08
CA ILE B 292 -0.75 -3.44 -6.95
C ILE B 292 -1.68 -3.16 -8.11
N SER B 293 -2.87 -2.63 -7.80
CA SER B 293 -3.88 -2.22 -8.73
C SER B 293 -4.34 -0.78 -8.53
N ASP B 294 -4.07 -0.13 -7.42
CA ASP B 294 -4.49 1.26 -7.29
C ASP B 294 -3.37 2.05 -7.95
N TYR B 295 -3.63 2.68 -9.08
CA TYR B 295 -2.60 3.51 -9.75
C TYR B 295 -2.41 4.92 -9.16
N ASN B 296 -3.18 5.29 -8.16
CA ASN B 296 -2.90 6.56 -7.44
C ASN B 296 -1.87 6.32 -6.35
N SER B 297 -1.54 5.08 -6.02
CA SER B 297 -0.71 4.65 -4.93
C SER B 297 0.74 4.40 -5.31
N ILE B 298 1.05 4.74 -6.55
CA ILE B 298 2.39 4.75 -7.11
C ILE B 298 2.80 6.11 -7.70
N PHE B 299 4.14 6.30 -7.76
CA PHE B 299 4.53 7.67 -8.21
C PHE B 299 4.67 7.61 -9.72
N TRP B 300 4.44 8.70 -10.43
CA TRP B 300 4.39 8.67 -11.90
C TRP B 300 5.37 9.54 -12.65
N ILE B 301 5.84 8.91 -13.75
CA ILE B 301 6.71 9.63 -14.67
C ILE B 301 6.17 9.35 -16.08
N ALA B 302 5.71 10.26 -16.89
CA ALA B 302 5.14 9.96 -18.22
C ALA B 302 5.70 10.92 -19.24
N HIS B 303 6.24 10.30 -20.35
CA HIS B 303 6.81 11.30 -21.30
C HIS B 303 5.69 12.24 -21.71
N PRO B 304 5.90 13.54 -21.66
CA PRO B 304 4.88 14.52 -22.01
C PRO B 304 4.92 14.89 -23.47
N GLY B 305 4.60 13.89 -24.36
CA GLY B 305 4.46 14.09 -25.80
C GLY B 305 3.73 15.40 -26.14
N GLY B 306 2.66 15.70 -25.41
CA GLY B 306 1.86 16.90 -25.48
C GLY B 306 0.93 16.85 -24.24
N PRO B 307 0.33 17.94 -23.85
CA PRO B 307 -0.57 17.90 -22.68
C PRO B 307 -1.70 16.93 -22.86
N ALA B 308 -2.18 16.71 -24.11
CA ALA B 308 -3.36 15.89 -24.33
C ALA B 308 -3.17 14.43 -24.01
N ILE B 309 -1.93 13.93 -24.23
CA ILE B 309 -1.62 12.55 -23.82
C ILE B 309 -1.78 12.44 -22.28
N LEU B 310 -1.20 13.43 -21.58
CA LEU B 310 -1.34 13.45 -20.13
C LEU B 310 -2.80 13.55 -19.71
N ASP B 311 -3.62 14.43 -20.26
CA ASP B 311 -4.97 14.60 -19.73
C ASP B 311 -5.79 13.33 -19.95
N GLN B 312 -5.56 12.78 -21.16
CA GLN B 312 -6.33 11.62 -21.56
C GLN B 312 -5.87 10.42 -20.77
N VAL B 313 -4.59 10.27 -20.44
CA VAL B 313 -4.32 9.18 -19.49
C VAL B 313 -4.91 9.43 -18.10
N GLU B 314 -4.81 10.68 -17.61
CA GLU B 314 -5.33 11.03 -16.28
C GLU B 314 -6.83 10.71 -16.24
N GLN B 315 -7.54 11.12 -17.27
CA GLN B 315 -8.98 10.94 -17.38
C GLN B 315 -9.33 9.47 -17.38
N LYS B 316 -8.66 8.67 -18.23
CA LYS B 316 -8.86 7.22 -18.37
C LYS B 316 -8.68 6.35 -17.12
N LEU B 317 -7.62 6.65 -16.37
CA LEU B 317 -7.43 6.00 -15.11
C LEU B 317 -8.05 6.60 -13.84
N ALA B 318 -8.58 7.82 -13.91
CA ALA B 318 -8.97 8.54 -12.71
C ALA B 318 -7.75 8.73 -11.82
N LEU B 319 -6.63 9.21 -12.40
CA LEU B 319 -5.50 9.60 -11.57
C LEU B 319 -5.91 10.92 -10.86
N LYS B 320 -5.46 11.14 -9.64
CA LYS B 320 -5.69 12.49 -9.07
C LYS B 320 -4.90 13.49 -9.88
N PRO B 321 -5.26 14.75 -10.01
CA PRO B 321 -4.51 15.75 -10.76
C PRO B 321 -3.03 15.82 -10.36
N GLU B 322 -2.72 15.59 -9.10
CA GLU B 322 -1.41 15.77 -8.46
C GLU B 322 -0.42 14.74 -8.99
N LYS B 323 -0.88 13.58 -9.41
CA LYS B 323 -0.04 12.51 -9.94
C LYS B 323 0.87 12.98 -11.09
N MET B 324 0.40 13.76 -12.00
CA MET B 324 1.17 14.29 -13.11
C MET B 324 1.91 15.60 -12.82
N ASN B 325 1.98 16.08 -11.58
CA ASN B 325 2.64 17.37 -11.35
C ASN B 325 4.06 17.42 -11.88
N ALA B 326 4.91 16.43 -11.55
CA ALA B 326 6.34 16.55 -11.85
C ALA B 326 6.50 16.60 -13.38
N THR B 327 5.74 15.72 -14.01
CA THR B 327 5.68 15.58 -15.46
C THR B 327 5.25 16.88 -16.10
N ARG B 328 4.22 17.48 -15.63
CA ARG B 328 3.74 18.76 -16.11
C ARG B 328 4.70 19.89 -15.79
N GLU B 329 5.41 19.86 -14.66
CA GLU B 329 6.30 20.99 -14.34
C GLU B 329 7.37 21.04 -15.41
N VAL B 330 7.84 19.79 -15.76
CA VAL B 330 8.92 19.62 -16.71
C VAL B 330 8.47 20.03 -18.14
N LEU B 331 7.24 19.64 -18.44
CA LEU B 331 6.69 20.14 -19.70
C LEU B 331 6.56 21.66 -19.69
N SER B 332 6.15 22.31 -18.59
CA SER B 332 5.98 23.73 -18.56
C SER B 332 7.30 24.47 -18.78
N GLU B 333 8.36 24.01 -18.14
CA GLU B 333 9.63 24.72 -18.08
C GLU B 333 10.65 24.48 -19.17
N TYR B 334 10.39 23.37 -19.88
CA TYR B 334 11.28 22.88 -20.89
C TYR B 334 10.68 22.31 -22.15
N GLY B 335 9.40 22.11 -22.19
CA GLY B 335 8.72 21.58 -23.35
C GLY B 335 9.00 20.07 -23.46
N ASN B 336 8.76 19.51 -24.62
CA ASN B 336 9.01 18.09 -24.93
C ASN B 336 10.43 17.89 -25.48
N MET B 337 11.39 17.48 -24.66
CA MET B 337 12.76 17.28 -25.06
C MET B 337 13.01 15.86 -25.52
N SER B 338 11.99 15.21 -26.01
CA SER B 338 12.08 13.84 -26.55
C SER B 338 12.62 12.88 -25.51
N SER B 339 13.63 12.05 -25.81
CA SER B 339 14.19 11.11 -24.87
C SER B 339 14.67 11.63 -23.51
N ALA B 340 15.14 12.84 -23.41
CA ALA B 340 15.63 13.35 -22.13
C ALA B 340 14.48 13.59 -21.16
N CYS B 341 13.27 13.82 -21.67
CA CYS B 341 12.20 14.40 -20.85
C CYS B 341 11.94 13.67 -19.56
N VAL B 342 11.81 12.34 -19.73
CA VAL B 342 11.50 11.45 -18.57
C VAL B 342 12.63 11.49 -17.56
N LEU B 343 13.86 11.70 -17.94
CA LEU B 343 14.97 11.88 -17.02
C LEU B 343 14.93 13.24 -16.33
N PHE B 344 14.51 14.32 -16.98
CA PHE B 344 14.37 15.59 -16.28
C PHE B 344 13.28 15.44 -15.25
N ILE B 345 12.23 14.68 -15.64
CA ILE B 345 11.16 14.40 -14.67
C ILE B 345 11.56 13.73 -13.37
N LEU B 346 12.39 12.69 -13.57
CA LEU B 346 12.97 11.96 -12.43
C LEU B 346 13.80 12.88 -11.53
N ASP B 347 14.56 13.78 -12.16
CA ASP B 347 15.29 14.77 -11.32
C ASP B 347 14.28 15.61 -10.55
N GLU B 348 13.26 16.14 -11.22
CA GLU B 348 12.31 17.07 -10.67
C GLU B 348 11.68 16.49 -9.38
N MET B 349 11.18 15.29 -9.69
CA MET B 349 10.48 14.53 -8.60
C MET B 349 11.32 14.23 -7.38
N ARG B 350 12.54 13.68 -7.63
CA ARG B 350 13.43 13.46 -6.51
C ARG B 350 13.89 14.77 -5.80
N LYS B 351 14.13 15.80 -6.60
CA LYS B 351 14.46 17.10 -5.95
C LYS B 351 13.30 17.64 -5.11
N LYS B 352 12.07 17.62 -5.55
CA LYS B 352 10.92 18.21 -4.87
C LYS B 352 10.66 17.44 -3.58
N SER B 353 10.73 16.08 -3.76
CA SER B 353 10.51 15.21 -2.59
C SER B 353 11.52 15.43 -1.47
N THR B 354 12.81 15.58 -1.79
CA THR B 354 13.85 15.90 -0.81
C THR B 354 13.68 17.32 -0.28
N GLN B 355 13.62 18.28 -1.19
CA GLN B 355 13.44 19.67 -0.80
C GLN B 355 12.30 19.79 0.22
N ASN B 356 11.19 19.09 -0.04
CA ASN B 356 10.00 19.21 0.77
C ASN B 356 9.87 18.20 1.91
N GLY B 357 10.92 17.49 2.26
CA GLY B 357 10.90 16.65 3.45
C GLY B 357 10.02 15.43 3.43
N LEU B 358 9.77 14.93 2.18
CA LEU B 358 8.93 13.75 2.02
C LEU B 358 9.66 12.51 2.46
N LYS B 359 8.99 11.36 2.64
CA LYS B 359 9.73 10.24 3.23
C LYS B 359 10.54 9.52 2.18
N THR B 360 10.12 9.57 0.91
CA THR B 360 10.91 8.91 -0.13
C THR B 360 11.12 9.84 -1.30
N THR B 361 12.04 9.45 -2.19
CA THR B 361 12.35 10.18 -3.39
C THR B 361 11.25 10.05 -4.43
N GLY B 362 10.30 9.12 -4.26
CA GLY B 362 9.19 8.99 -5.18
C GLY B 362 7.94 9.62 -4.55
N GLU B 363 8.04 10.90 -4.17
CA GLU B 363 6.87 11.55 -3.54
C GLU B 363 6.33 10.83 -2.33
N GLY B 364 7.17 10.18 -1.54
CA GLY B 364 6.74 9.61 -0.25
C GLY B 364 6.13 8.23 -0.47
N LEU B 365 6.06 7.79 -1.77
CA LEU B 365 5.47 6.49 -2.07
C LEU B 365 6.59 5.51 -2.34
N GLU B 366 6.29 4.23 -2.19
CA GLU B 366 7.17 3.15 -2.36
C GLU B 366 7.56 2.84 -3.83
N TRP B 367 6.57 2.44 -4.61
CA TRP B 367 6.64 1.98 -5.97
C TRP B 367 6.19 3.01 -7.01
N GLY B 368 6.95 2.91 -8.12
CA GLY B 368 6.63 3.95 -9.16
C GLY B 368 6.74 3.46 -10.58
N VAL B 369 6.32 4.22 -11.55
CA VAL B 369 6.33 3.85 -12.95
C VAL B 369 6.82 4.96 -13.85
N LEU B 370 7.67 4.58 -14.84
CA LEU B 370 8.13 5.61 -15.81
C LEU B 370 7.63 5.09 -17.16
N PHE B 371 7.12 5.86 -18.07
CA PHE B 371 6.66 5.53 -19.38
C PHE B 371 7.33 6.41 -20.45
N GLY B 372 7.75 5.67 -21.47
CA GLY B 372 8.35 6.36 -22.65
C GLY B 372 7.39 6.26 -23.83
N PHE B 373 7.00 7.20 -24.70
CA PHE B 373 6.06 6.99 -25.78
C PHE B 373 6.71 7.51 -27.04
N GLY B 374 6.57 6.70 -28.12
CA GLY B 374 7.20 7.25 -29.35
C GLY B 374 6.85 6.38 -30.53
N PRO B 375 7.63 6.56 -31.58
CA PRO B 375 7.43 5.88 -32.83
C PRO B 375 7.25 4.39 -32.67
N GLY B 376 6.22 3.84 -33.30
CA GLY B 376 5.90 2.44 -33.37
C GLY B 376 4.43 2.15 -33.01
N LEU B 377 3.35 2.79 -32.65
CA LEU B 377 3.43 3.41 -31.33
C LEU B 377 4.09 2.48 -30.33
N THR B 378 5.24 2.77 -29.78
CA THR B 378 5.93 2.11 -28.72
C THR B 378 5.71 2.80 -27.37
N ILE B 379 5.48 1.87 -26.44
CA ILE B 379 5.34 2.19 -25.03
C ILE B 379 6.51 1.49 -24.31
N GLU B 380 7.37 2.19 -23.59
CA GLU B 380 8.39 1.64 -22.72
C GLU B 380 7.85 1.87 -21.28
N THR B 381 7.97 0.79 -20.55
CA THR B 381 7.57 0.76 -19.12
C THR B 381 8.81 0.48 -18.28
N VAL B 382 9.19 1.23 -17.27
CA VAL B 382 10.13 0.89 -16.23
C VAL B 382 9.45 1.02 -14.84
N VAL B 383 9.59 -0.07 -14.07
CA VAL B 383 9.03 -0.04 -12.71
C VAL B 383 10.14 0.41 -11.77
N LEU B 384 9.88 1.36 -10.89
CA LEU B 384 10.94 1.84 -10.01
C LEU B 384 10.55 1.56 -8.58
N ARG B 385 11.57 1.54 -7.70
CA ARG B 385 11.17 1.75 -6.26
C ARG B 385 11.85 3.05 -5.78
N SER B 386 11.31 3.85 -4.88
CA SER B 386 12.03 5.03 -4.38
C SER B 386 13.05 4.57 -3.36
N VAL B 387 13.72 5.51 -2.69
CA VAL B 387 14.69 5.26 -1.64
C VAL B 387 14.22 6.23 -0.49
N ALA B 388 14.32 5.70 0.71
CA ALA B 388 13.96 6.47 1.90
C ALA B 388 14.85 7.72 2.00
N ILE B 389 14.29 8.83 2.27
CA ILE B 389 14.49 10.21 2.43
C ILE B 389 14.73 10.89 1.09
#